data_6WAO
#
_entry.id   6WAO
#
_cell.length_a   55.136
_cell.length_b   75.353
_cell.length_c   193.513
_cell.angle_alpha   90.000
_cell.angle_beta   90.000
_cell.angle_gamma   90.000
#
_symmetry.space_group_name_H-M   'P 21 21 21'
#
loop_
_entity.id
_entity.type
_entity.pdbx_description
1 polymer 'Protein ENHANCED PSEUDOMONAS SUSCEPTIBILITY 1'
2 non-polymer 'N-[(3-carboxyphenoxy)acetyl]-L-glutamic acid'
3 water water
#
_entity_poly.entity_id   1
_entity_poly.type   'polypeptide(L)'
_entity_poly.pdbx_seq_one_letter_code
;MEEELVVISKSIVNPRSLKKPTSVKKIQLTPWDLSRLRFGYLQRGLLFHKIEVKQLQASLSVALDRFYPLAGRLVKLKND
DDTVSFFISCDGSGVEFVHAVAKNIELSDVLELSGSVPGFFASFFPATGIKNYHGVSRSLLMVQVTEMKDGVFIGFGYNS
TVADATSIWKFINAWSEICSKDSSGSQTFQRRLHLKGWFFDEIDYPIHIPDPETKPTSYVTTPTNLQEKMFHVTKENVLK
LDAKANDEADQKISSIQAVLAYIWRSMVKHSGMSREEETHCRLPINMRQRLNPPLEEECFGNVSQTGIATVTVGELLDHG
LGWAAMQINNMELSQTDEKAKAFAENWVKNIKIPVSVGSKDLVVTNSHRFDVYCNDFGWGKPIAARAGPPYLNGRLVVFK
GIGEASLDFQACLLPQVVEKLVKDAEFNEYVSIV
;
_entity_poly.pdbx_strand_id   A,B
#
loop_
_chem_comp.id
_chem_comp.type
_chem_comp.name
_chem_comp.formula
TQG non-polymer 'N-[(3-carboxyphenoxy)acetyl]-L-glutamic acid' 'C14 H15 N O8'
#
# COMPACT_ATOMS: atom_id res chain seq x y z
N GLU A 4 -18.64 -14.96 7.05
CA GLU A 4 -17.89 -15.27 8.23
C GLU A 4 -17.76 -13.94 8.91
N LEU A 5 -18.92 -13.41 9.28
CA LEU A 5 -19.02 -12.07 9.85
C LEU A 5 -20.12 -12.05 10.89
N VAL A 6 -19.78 -11.66 12.11
CA VAL A 6 -20.75 -11.57 13.19
C VAL A 6 -20.90 -10.12 13.63
N VAL A 7 -22.14 -9.73 13.87
CA VAL A 7 -22.49 -8.38 14.31
C VAL A 7 -22.41 -8.35 15.82
N ILE A 8 -21.55 -7.48 16.33
CA ILE A 8 -21.42 -7.27 17.77
C ILE A 8 -22.52 -6.35 18.28
N SER A 9 -22.77 -5.25 17.56
CA SER A 9 -23.70 -4.25 18.04
C SER A 9 -24.25 -3.45 16.86
N LYS A 10 -25.49 -3.00 17.00
CA LYS A 10 -26.15 -2.17 16.01
C LYS A 10 -26.76 -1.06 16.85
N SER A 11 -26.41 0.20 16.58
CA SER A 11 -26.95 1.25 17.46
C SER A 11 -27.16 2.50 16.63
N ILE A 12 -27.85 3.48 17.19
CA ILE A 12 -27.94 4.81 16.56
C ILE A 12 -26.99 5.77 17.27
N VAL A 13 -26.17 6.47 16.50
CA VAL A 13 -25.24 7.48 17.02
C VAL A 13 -25.85 8.84 16.75
N ASN A 14 -26.24 9.59 17.82
CA ASN A 14 -26.78 10.93 17.70
C ASN A 14 -25.67 11.98 17.72
N PRO A 15 -25.92 13.15 17.11
CA PRO A 15 -24.96 14.26 17.24
C PRO A 15 -24.84 14.68 18.68
N ARG A 16 -23.63 15.04 19.07
CA ARG A 16 -23.31 15.50 20.41
C ARG A 16 -23.13 16.97 20.26
N SER A 17 -24.03 17.68 20.91
CA SER A 17 -24.27 19.11 20.74
C SER A 17 -23.81 19.86 21.99
N LEU A 18 -22.61 20.43 21.93
CA LEU A 18 -22.14 21.34 22.97
C LEU A 18 -22.97 22.62 23.01
N LYS A 19 -23.57 23.01 21.87
CA LYS A 19 -24.33 24.24 21.78
C LYS A 19 -25.78 24.01 22.20
N LYS A 20 -26.45 25.10 22.52
CA LYS A 20 -27.90 25.04 22.72
C LYS A 20 -28.52 24.74 21.36
N PRO A 21 -29.20 23.60 21.19
CA PRO A 21 -29.68 23.23 19.86
C PRO A 21 -30.56 24.32 19.26
N THR A 22 -30.42 24.51 17.95
CA THR A 22 -31.23 25.47 17.22
C THR A 22 -32.48 24.77 16.66
N SER A 23 -33.26 25.51 15.89
CA SER A 23 -34.41 24.98 15.16
C SER A 23 -33.96 23.89 14.18
N VAL A 24 -34.94 23.17 13.63
CA VAL A 24 -34.66 22.09 12.69
C VAL A 24 -34.61 22.69 11.28
N LYS A 25 -33.42 22.69 10.67
CA LYS A 25 -33.28 23.19 9.31
C LYS A 25 -33.84 22.22 8.27
N LYS A 26 -34.48 22.80 7.26
CA LYS A 26 -34.97 22.04 6.12
C LYS A 26 -34.07 22.34 4.93
N ILE A 27 -33.65 21.29 4.23
CA ILE A 27 -32.80 21.38 3.04
C ILE A 27 -33.61 20.95 1.82
N GLN A 28 -33.72 21.82 0.82
CA GLN A 28 -34.54 21.52 -0.36
C GLN A 28 -33.75 20.74 -1.39
N LEU A 29 -34.45 19.87 -2.10
CA LEU A 29 -33.81 18.95 -3.03
C LEU A 29 -34.02 19.43 -4.46
N THR A 30 -32.94 19.45 -5.23
CA THR A 30 -33.00 19.91 -6.62
C THR A 30 -33.28 18.76 -7.57
N PRO A 31 -33.50 19.09 -8.86
CA PRO A 31 -33.67 18.02 -9.84
C PRO A 31 -32.53 17.04 -9.85
N TRP A 32 -31.29 17.51 -9.61
CA TRP A 32 -30.19 16.56 -9.53
C TRP A 32 -30.38 15.57 -8.39
N ASP A 33 -30.83 16.06 -7.23
CA ASP A 33 -31.04 15.19 -6.09
C ASP A 33 -32.19 14.24 -6.35
N LEU A 34 -33.31 14.77 -6.84
CA LEU A 34 -34.52 13.94 -7.01
C LEU A 34 -34.33 12.88 -8.09
N SER A 35 -33.54 13.18 -9.14
CA SER A 35 -33.33 12.20 -10.21
C SER A 35 -32.53 10.99 -9.72
N ARG A 36 -31.93 11.08 -8.54
CA ARG A 36 -31.19 9.96 -7.96
C ARG A 36 -31.98 9.22 -6.88
N LEU A 37 -33.24 9.55 -6.69
CA LEU A 37 -33.95 8.96 -5.55
C LEU A 37 -34.03 7.44 -5.63
N ARG A 38 -34.00 6.86 -6.80
CA ARG A 38 -34.12 5.44 -6.88
C ARG A 38 -32.82 4.66 -6.87
N PHE A 39 -31.71 5.37 -6.90
CA PHE A 39 -30.40 4.73 -6.88
C PHE A 39 -30.05 4.22 -5.48
N GLY A 40 -29.13 3.27 -5.43
CA GLY A 40 -28.65 2.79 -4.15
C GLY A 40 -27.69 3.78 -3.48
N TYR A 41 -27.64 3.68 -2.13
CA TYR A 41 -26.57 4.40 -1.42
C TYR A 41 -25.20 4.07 -2.00
N LEU A 42 -24.32 5.07 -2.05
CA LEU A 42 -22.93 4.87 -2.46
C LEU A 42 -22.12 4.39 -1.26
N GLN A 43 -21.23 3.42 -1.49
CA GLN A 43 -20.55 2.77 -0.36
C GLN A 43 -19.04 2.72 -0.57
N ARG A 44 -18.30 3.26 0.40
CA ARG A 44 -16.86 3.33 0.32
C ARG A 44 -16.30 3.01 1.68
N GLY A 45 -14.97 2.87 1.74
CA GLY A 45 -14.41 2.56 3.04
C GLY A 45 -12.92 2.59 3.02
N LEU A 46 -12.37 2.50 4.25
CA LEU A 46 -10.95 2.64 4.50
C LEU A 46 -10.44 1.49 5.36
N LEU A 47 -9.26 0.96 5.00
CA LEU A 47 -8.63 -0.17 5.71
C LEU A 47 -7.50 0.35 6.59
N PHE A 48 -7.42 -0.14 7.80
CA PHE A 48 -6.44 0.27 8.82
C PHE A 48 -5.77 -0.91 9.48
N HIS A 49 -4.55 -0.69 9.99
CA HIS A 49 -3.95 -1.66 10.90
C HIS A 49 -4.67 -1.68 12.24
N LYS A 50 -5.15 -0.50 12.71
CA LYS A 50 -5.69 -0.41 14.05
C LYS A 50 -6.72 0.72 14.13
N ILE A 51 -7.87 0.41 14.75
CA ILE A 51 -8.89 1.41 15.10
C ILE A 51 -9.48 0.98 16.44
N GLU A 52 -9.68 1.93 17.35
CA GLU A 52 -10.35 1.58 18.60
C GLU A 52 -11.80 2.04 18.47
N VAL A 53 -12.72 1.11 18.66
CA VAL A 53 -14.10 1.39 18.28
C VAL A 53 -14.73 2.43 19.22
N LYS A 54 -14.44 2.36 20.50
CA LYS A 54 -15.02 3.33 21.41
C LYS A 54 -14.72 4.77 21.04
N GLN A 55 -13.47 5.07 20.78
CA GLN A 55 -13.09 6.40 20.39
C GLN A 55 -13.72 6.74 19.03
N LEU A 56 -13.75 5.79 18.14
CA LEU A 56 -14.34 6.05 16.86
C LEU A 56 -15.82 6.45 16.95
N GLN A 57 -16.58 5.76 17.78
CA GLN A 57 -18.02 6.07 17.94
C GLN A 57 -18.26 7.42 18.63
N ALA A 58 -17.47 7.69 19.66
CA ALA A 58 -17.61 8.97 20.36
C ALA A 58 -17.30 10.14 19.43
N SER A 59 -16.16 10.05 18.72
CA SER A 59 -15.81 11.10 17.76
C SER A 59 -16.84 11.24 16.65
N LEU A 60 -17.48 10.14 16.26
CA LEU A 60 -18.52 10.24 15.25
C LEU A 60 -19.65 11.13 15.72
N SER A 61 -20.09 11.00 16.97
CA SER A 61 -21.20 11.84 17.44
C SER A 61 -20.84 13.34 17.35
N VAL A 62 -19.57 13.65 17.67
CA VAL A 62 -19.12 15.05 17.56
C VAL A 62 -19.07 15.50 16.10
N ALA A 63 -18.50 14.67 15.23
CA ALA A 63 -18.42 15.02 13.82
C ALA A 63 -19.80 15.22 13.23
N LEU A 64 -20.77 14.41 13.67
CA LEU A 64 -22.11 14.56 13.12
C LEU A 64 -22.74 15.88 13.54
N ASP A 65 -22.45 16.37 14.75
CA ASP A 65 -22.88 17.73 15.09
C ASP A 65 -22.34 18.76 14.10
N ARG A 66 -21.07 18.62 13.74
CA ARG A 66 -20.45 19.58 12.82
C ARG A 66 -20.98 19.45 11.39
N PHE A 67 -21.34 18.23 10.96
CA PHE A 67 -21.92 17.99 9.65
C PHE A 67 -23.36 17.53 9.79
N TYR A 68 -24.20 18.36 10.41
CA TYR A 68 -25.49 17.86 10.92
C TYR A 68 -26.45 17.31 9.87
N PRO A 69 -26.41 17.71 8.58
CA PRO A 69 -27.38 17.12 7.64
C PRO A 69 -27.24 15.62 7.54
N LEU A 70 -26.02 15.11 7.79
CA LEU A 70 -25.82 13.65 7.75
C LEU A 70 -26.53 12.90 8.87
N ALA A 71 -27.03 13.61 9.89
CA ALA A 71 -27.78 12.98 10.95
C ALA A 71 -29.29 13.15 10.80
N GLY A 72 -29.73 13.72 9.69
CA GLY A 72 -31.14 14.04 9.47
C GLY A 72 -31.87 12.90 8.77
N ARG A 73 -33.08 13.21 8.30
CA ARG A 73 -33.89 12.24 7.55
C ARG A 73 -34.58 12.94 6.38
N LEU A 74 -34.87 12.18 5.33
CA LEU A 74 -35.81 12.67 4.32
C LEU A 74 -37.21 12.81 4.93
N VAL A 75 -37.97 13.78 4.45
CA VAL A 75 -39.38 13.85 4.75
C VAL A 75 -40.13 13.86 3.42
N LYS A 76 -41.14 13.00 3.33
CA LYS A 76 -41.94 12.91 2.12
C LYS A 76 -43.29 13.55 2.41
N LEU A 77 -43.63 14.57 1.63
CA LEU A 77 -44.92 15.25 1.71
C LEU A 77 -45.86 14.75 0.62
N LYS A 78 -47.13 14.57 1.00
CA LYS A 78 -48.16 14.20 0.02
C LYS A 78 -48.87 15.45 -0.49
N ASN A 79 -48.75 15.70 -1.79
CA ASN A 79 -49.41 16.83 -2.39
C ASN A 79 -50.83 16.46 -2.79
N ASP A 80 -51.70 17.46 -2.83
CA ASP A 80 -53.10 17.18 -3.14
C ASP A 80 -53.32 16.81 -4.60
N ASP A 81 -52.33 17.05 -5.46
CA ASP A 81 -52.42 16.65 -6.86
C ASP A 81 -51.90 15.24 -7.07
N ASP A 82 -51.76 14.45 -6.01
CA ASP A 82 -51.38 13.04 -6.11
C ASP A 82 -49.92 12.88 -6.50
N THR A 83 -49.11 13.92 -6.34
CA THR A 83 -47.66 13.80 -6.42
C THR A 83 -47.11 13.80 -5.00
N VAL A 84 -45.79 13.66 -4.87
CA VAL A 84 -45.13 13.82 -3.58
C VAL A 84 -44.02 14.83 -3.74
N SER A 85 -43.50 15.28 -2.60
CA SER A 85 -42.31 16.14 -2.57
C SER A 85 -41.39 15.64 -1.46
N PHE A 86 -40.09 15.94 -1.57
CA PHE A 86 -39.14 15.54 -0.55
C PHE A 86 -38.28 16.74 -0.13
N PHE A 87 -37.95 16.78 1.16
CA PHE A 87 -36.85 17.65 1.64
C PHE A 87 -36.08 16.89 2.70
N ILE A 88 -34.91 17.39 3.08
CA ILE A 88 -34.13 16.76 4.14
C ILE A 88 -34.39 17.55 5.42
N SER A 89 -34.82 16.88 6.48
CA SER A 89 -35.06 17.54 7.76
C SER A 89 -33.85 17.27 8.65
N CYS A 90 -33.19 18.33 9.12
CA CYS A 90 -31.96 18.16 9.89
C CYS A 90 -32.37 17.95 11.36
N ASP A 91 -32.97 16.79 11.62
CA ASP A 91 -33.63 16.60 12.90
C ASP A 91 -32.80 15.86 13.92
N GLY A 92 -31.53 15.57 13.61
CA GLY A 92 -30.67 14.85 14.55
C GLY A 92 -31.11 13.44 14.87
N SER A 93 -31.95 12.81 14.03
CA SER A 93 -32.35 11.42 14.25
C SER A 93 -31.16 10.47 14.45
N GLY A 94 -30.04 10.70 13.80
CA GLY A 94 -28.81 10.00 14.11
C GLY A 94 -28.48 8.95 13.04
N VAL A 95 -27.29 8.38 13.18
CA VAL A 95 -26.69 7.53 12.14
C VAL A 95 -26.65 6.07 12.59
N GLU A 96 -27.07 5.13 11.73
CA GLU A 96 -26.90 3.72 12.05
C GLU A 96 -25.43 3.32 12.08
N PHE A 97 -25.02 2.68 13.17
CA PHE A 97 -23.62 2.34 13.41
C PHE A 97 -23.53 0.87 13.79
N VAL A 98 -22.82 0.10 12.99
CA VAL A 98 -22.72 -1.35 13.18
C VAL A 98 -21.28 -1.69 13.53
N HIS A 99 -21.10 -2.44 14.59
CA HIS A 99 -19.82 -3.01 14.96
C HIS A 99 -19.89 -4.50 14.68
N ALA A 100 -18.97 -4.96 13.81
CA ALA A 100 -18.91 -6.36 13.38
C ALA A 100 -17.49 -6.90 13.54
N VAL A 101 -17.38 -8.22 13.46
CA VAL A 101 -16.10 -8.92 13.59
C VAL A 101 -15.99 -9.96 12.49
N ALA A 102 -14.88 -9.95 11.80
CA ALA A 102 -14.63 -10.94 10.76
C ALA A 102 -13.24 -11.49 11.07
N LYS A 103 -13.18 -12.37 12.06
CA LYS A 103 -11.88 -12.67 12.65
C LYS A 103 -11.02 -13.57 11.77
N ASN A 104 -11.60 -14.20 10.76
CA ASN A 104 -10.83 -15.04 9.85
C ASN A 104 -10.33 -14.30 8.62
N ILE A 105 -10.70 -13.03 8.45
CA ILE A 105 -10.29 -12.23 7.30
C ILE A 105 -9.08 -11.40 7.71
N GLU A 106 -8.05 -11.36 6.86
CA GLU A 106 -6.84 -10.62 7.20
C GLU A 106 -6.61 -9.51 6.16
N LEU A 107 -5.68 -8.61 6.47
CA LEU A 107 -5.41 -7.49 5.57
C LEU A 107 -5.13 -7.97 4.14
N SER A 108 -4.29 -9.00 3.98
CA SER A 108 -3.97 -9.52 2.66
C SER A 108 -5.24 -9.74 1.85
N ASP A 109 -6.28 -10.30 2.51
CA ASP A 109 -7.52 -10.66 1.80
C ASP A 109 -8.19 -9.45 1.20
N VAL A 110 -8.26 -8.34 1.94
CA VAL A 110 -8.87 -7.13 1.41
C VAL A 110 -7.91 -6.41 0.46
N LEU A 111 -6.62 -6.30 0.80
CA LEU A 111 -5.66 -5.65 -0.10
C LEU A 111 -5.63 -6.33 -1.48
N GLU A 112 -5.77 -7.64 -1.52
CA GLU A 112 -5.50 -8.42 -2.75
C GLU A 112 -6.78 -8.92 -3.39
N LEU A 113 -7.91 -8.33 -3.06
CA LEU A 113 -9.19 -8.75 -3.65
C LEU A 113 -9.11 -8.79 -5.17
N SER A 114 -9.73 -9.81 -5.74
CA SER A 114 -9.58 -10.08 -7.15
C SER A 114 -10.54 -11.20 -7.53
N GLY A 115 -11.51 -10.94 -8.39
CA GLY A 115 -12.36 -12.05 -8.75
C GLY A 115 -13.82 -11.72 -8.56
N SER A 116 -14.62 -12.78 -8.41
CA SER A 116 -16.07 -12.66 -8.49
C SER A 116 -16.62 -11.79 -7.35
N VAL A 117 -17.65 -11.00 -7.65
CA VAL A 117 -18.32 -10.18 -6.64
C VAL A 117 -19.81 -10.46 -6.77
N PRO A 118 -20.58 -10.46 -5.69
CA PRO A 118 -20.06 -10.20 -4.32
C PRO A 118 -19.26 -11.35 -3.75
N GLY A 119 -18.33 -11.02 -2.84
CA GLY A 119 -17.66 -12.04 -2.02
C GLY A 119 -17.78 -11.65 -0.56
N PHE A 120 -16.90 -12.13 0.34
CA PHE A 120 -17.06 -11.73 1.75
C PHE A 120 -17.03 -10.23 1.91
N PHE A 121 -16.26 -9.56 1.07
CA PHE A 121 -16.03 -8.13 1.33
C PHE A 121 -17.35 -7.34 1.25
N ALA A 122 -18.30 -7.79 0.45
CA ALA A 122 -19.58 -7.10 0.37
C ALA A 122 -20.21 -6.91 1.75
N SER A 123 -20.05 -7.88 2.64
CA SER A 123 -20.66 -7.81 3.98
C SER A 123 -20.02 -6.75 4.88
N PHE A 124 -18.86 -6.18 4.49
CA PHE A 124 -18.26 -5.12 5.30
C PHE A 124 -18.97 -3.80 5.13
N PHE A 125 -19.97 -3.73 4.24
CA PHE A 125 -20.63 -2.43 4.00
C PHE A 125 -22.07 -2.46 4.49
N PRO A 126 -22.55 -1.36 5.07
CA PRO A 126 -23.80 -1.38 5.82
C PRO A 126 -25.08 -1.03 5.08
N ALA A 127 -25.02 -0.56 3.81
CA ALA A 127 -26.17 0.05 3.15
C ALA A 127 -26.49 -0.65 1.84
N THR A 128 -26.16 -1.92 1.74
CA THR A 128 -26.47 -2.66 0.53
C THR A 128 -27.98 -2.83 0.39
N GLY A 129 -28.50 -2.53 -0.80
CA GLY A 129 -29.94 -2.58 -1.05
C GLY A 129 -30.75 -1.41 -0.55
N ILE A 130 -30.11 -0.45 0.13
CA ILE A 130 -30.81 0.74 0.58
C ILE A 130 -30.86 1.74 -0.57
N LYS A 131 -32.05 2.25 -0.87
CA LYS A 131 -32.21 3.23 -1.93
C LYS A 131 -32.31 4.63 -1.33
N ASN A 132 -32.04 5.64 -2.16
CA ASN A 132 -32.03 6.99 -1.58
C ASN A 132 -33.40 7.38 -1.00
N TYR A 133 -34.50 6.96 -1.63
CA TYR A 133 -35.80 7.32 -1.07
C TYR A 133 -36.11 6.60 0.24
N HIS A 134 -35.30 5.61 0.61
CA HIS A 134 -35.44 4.96 1.91
C HIS A 134 -34.97 5.85 3.06
N GLY A 135 -34.35 6.98 2.74
CA GLY A 135 -33.87 7.89 3.74
C GLY A 135 -34.94 8.52 4.59
N VAL A 136 -36.23 8.26 4.35
CA VAL A 136 -37.26 8.73 5.28
C VAL A 136 -37.16 7.96 6.60
N SER A 137 -36.82 6.67 6.54
CA SER A 137 -36.83 5.80 7.71
C SER A 137 -35.45 5.19 8.04
N ARG A 138 -34.50 5.24 7.13
CA ARG A 138 -33.12 4.79 7.39
C ARG A 138 -32.22 6.02 7.40
N SER A 139 -31.10 5.92 8.11
CA SER A 139 -30.24 7.10 8.22
C SER A 139 -29.60 7.44 6.87
N LEU A 140 -29.23 8.72 6.71
CA LEU A 140 -28.66 9.21 5.43
C LEU A 140 -27.20 8.86 5.29
N LEU A 141 -26.56 8.51 6.39
CA LEU A 141 -25.21 7.97 6.46
C LEU A 141 -25.30 6.73 7.32
N MET A 142 -24.63 5.64 6.90
CA MET A 142 -24.58 4.39 7.68
C MET A 142 -23.13 4.00 7.79
N VAL A 143 -22.74 3.53 8.97
CA VAL A 143 -21.33 3.23 9.22
C VAL A 143 -21.21 1.81 9.75
N GLN A 144 -20.21 1.06 9.26
CA GLN A 144 -19.91 -0.26 9.80
C GLN A 144 -18.43 -0.35 10.06
N VAL A 145 -18.06 -0.66 11.30
CA VAL A 145 -16.67 -0.89 11.63
C VAL A 145 -16.50 -2.39 11.83
N THR A 146 -15.63 -3.01 11.01
CA THR A 146 -15.45 -4.47 11.01
C THR A 146 -14.02 -4.75 11.49
N GLU A 147 -13.92 -5.42 12.63
CA GLU A 147 -12.62 -5.84 13.13
C GLU A 147 -12.21 -7.11 12.39
N MET A 148 -11.00 -7.11 11.84
CA MET A 148 -10.47 -8.24 11.10
C MET A 148 -9.42 -8.95 11.96
N LYS A 149 -8.84 -10.02 11.41
CA LYS A 149 -7.81 -10.75 12.17
C LYS A 149 -6.69 -9.80 12.61
N ASP A 150 -6.25 -8.92 11.71
CA ASP A 150 -5.05 -8.11 11.98
C ASP A 150 -5.25 -6.68 11.49
N GLY A 151 -6.50 -6.23 11.51
CA GLY A 151 -6.75 -4.88 11.05
C GLY A 151 -8.20 -4.57 11.30
N VAL A 152 -8.61 -3.41 10.82
CA VAL A 152 -9.98 -2.94 10.97
C VAL A 152 -10.37 -2.23 9.70
N PHE A 153 -11.59 -2.48 9.23
CA PHE A 153 -12.13 -1.76 8.08
C PHE A 153 -13.26 -0.83 8.52
N ILE A 154 -13.24 0.43 8.07
CA ILE A 154 -14.36 1.35 8.32
C ILE A 154 -15.10 1.55 7.01
N GLY A 155 -16.32 1.04 6.91
CA GLY A 155 -17.12 1.18 5.72
C GLY A 155 -18.29 2.12 6.00
N PHE A 156 -18.73 2.82 4.96
CA PHE A 156 -19.90 3.68 5.12
C PHE A 156 -20.70 3.66 3.82
N GLY A 157 -21.98 3.92 3.96
CA GLY A 157 -22.84 4.14 2.81
C GLY A 157 -23.54 5.48 3.02
N TYR A 158 -23.77 6.20 1.93
CA TYR A 158 -24.46 7.48 2.09
C TYR A 158 -25.48 7.70 0.98
N ASN A 159 -26.46 8.50 1.35
CA ASN A 159 -27.59 8.87 0.52
C ASN A 159 -27.16 9.98 -0.41
N SER A 160 -27.25 9.74 -1.72
CA SER A 160 -26.73 10.79 -2.61
C SER A 160 -27.57 12.07 -2.57
N THR A 161 -28.78 12.06 -2.01
CA THR A 161 -29.52 13.31 -1.95
C THR A 161 -28.98 14.24 -0.89
N VAL A 162 -28.20 13.75 0.07
CA VAL A 162 -27.69 14.63 1.13
C VAL A 162 -26.26 15.10 0.88
N ALA A 163 -25.51 14.41 0.05
CA ALA A 163 -24.10 14.72 -0.09
C ALA A 163 -23.58 14.15 -1.38
N ASP A 164 -22.59 14.82 -1.97
CA ASP A 164 -21.76 14.24 -3.03
C ASP A 164 -20.46 13.72 -2.39
N ALA A 165 -19.61 13.09 -3.19
CA ALA A 165 -18.39 12.51 -2.61
C ALA A 165 -17.49 13.59 -2.03
N THR A 166 -17.46 14.76 -2.67
CA THR A 166 -16.68 15.89 -2.13
C THR A 166 -17.05 16.16 -0.67
N SER A 167 -18.36 16.27 -0.40
CA SER A 167 -18.82 16.54 0.95
C SER A 167 -18.59 15.36 1.88
N ILE A 168 -18.83 14.13 1.42
CA ILE A 168 -18.66 13.00 2.30
C ILE A 168 -17.21 12.87 2.75
N TRP A 169 -16.25 13.06 1.85
CA TRP A 169 -14.84 12.93 2.24
C TRP A 169 -14.44 14.09 3.14
N LYS A 170 -15.04 15.27 2.99
CA LYS A 170 -14.77 16.34 3.96
C LYS A 170 -15.25 15.95 5.36
N PHE A 171 -16.41 15.30 5.44
CA PHE A 171 -16.88 14.81 6.73
C PHE A 171 -15.93 13.75 7.30
N ILE A 172 -15.49 12.78 6.46
CA ILE A 172 -14.61 11.73 7.00
C ILE A 172 -13.33 12.36 7.50
N ASN A 173 -12.83 13.38 6.81
CA ASN A 173 -11.59 14.01 7.26
C ASN A 173 -11.79 14.71 8.61
N ALA A 174 -12.95 15.34 8.81
CA ALA A 174 -13.20 16.01 10.08
C ALA A 174 -13.33 15.00 11.22
N TRP A 175 -14.06 13.92 10.94
CA TRP A 175 -14.24 12.86 11.91
C TRP A 175 -12.90 12.27 12.33
N SER A 176 -12.03 11.96 11.35
CA SER A 176 -10.71 11.41 11.66
C SER A 176 -9.86 12.40 12.45
N GLU A 177 -9.94 13.70 12.12
CA GLU A 177 -9.17 14.68 12.89
C GLU A 177 -9.62 14.70 14.36
N ILE A 178 -10.94 14.70 14.57
CA ILE A 178 -11.48 14.71 15.94
C ILE A 178 -11.01 13.47 16.67
N CYS A 179 -11.15 12.33 16.03
CA CYS A 179 -10.77 11.08 16.64
C CYS A 179 -9.31 10.98 16.98
N SER A 180 -8.49 11.59 16.17
CA SER A 180 -7.09 11.56 16.34
C SER A 180 -6.61 12.42 17.52
N LYS A 181 -7.23 13.54 17.67
CA LYS A 181 -6.77 14.49 18.65
C LYS A 181 -7.41 14.34 19.98
N ASP A 182 -8.71 14.13 20.06
CA ASP A 182 -9.52 14.00 21.29
C ASP A 182 -11.01 13.80 20.95
N SER A 183 -11.61 12.72 21.37
CA SER A 183 -12.97 12.36 20.94
C SER A 183 -14.14 13.22 21.29
N SER A 184 -13.94 14.10 22.26
CA SER A 184 -14.94 15.05 22.65
C SER A 184 -15.02 16.23 21.69
N GLY A 185 -14.01 16.40 20.87
CA GLY A 185 -13.94 17.47 19.90
C GLY A 185 -13.43 18.77 20.44
N SER A 186 -13.08 18.79 21.71
CA SER A 186 -12.64 19.98 22.35
C SER A 186 -11.33 20.56 21.83
N GLN A 187 -10.48 19.74 21.23
CA GLN A 187 -9.22 20.13 20.73
C GLN A 187 -9.12 20.24 19.20
N THR A 188 -10.24 20.18 18.51
CA THR A 188 -10.27 20.30 17.07
C THR A 188 -11.16 21.45 16.66
N PHE A 189 -10.64 22.30 15.81
CA PHE A 189 -11.37 23.49 15.42
C PHE A 189 -12.72 23.18 14.83
N GLN A 190 -13.73 23.81 15.38
CA GLN A 190 -15.08 23.72 14.84
C GLN A 190 -15.25 24.77 13.76
N ARG A 191 -15.81 24.43 12.63
CA ARG A 191 -16.02 25.34 11.54
C ARG A 191 -17.50 25.42 11.15
N ARG A 192 -17.97 26.63 10.86
CA ARG A 192 -19.36 26.83 10.47
C ARG A 192 -19.62 26.15 9.13
N LEU A 193 -20.65 25.32 9.09
CA LEU A 193 -21.00 24.59 7.87
C LEU A 193 -21.79 25.48 6.92
N HIS A 194 -21.31 25.62 5.68
CA HIS A 194 -22.06 26.41 4.69
C HIS A 194 -22.81 25.41 3.84
N LEU A 195 -24.13 25.59 3.71
CA LEU A 195 -24.95 24.68 2.91
C LEU A 195 -25.05 25.12 1.44
N LYS A 196 -25.28 24.14 0.57
CA LYS A 196 -25.35 24.44 -0.86
C LYS A 196 -26.52 25.37 -1.16
N GLY A 197 -27.62 25.25 -0.39
CA GLY A 197 -28.71 26.20 -0.63
C GLY A 197 -29.44 25.88 -1.94
N TRP A 198 -30.23 26.85 -2.37
CA TRP A 198 -31.02 26.69 -3.60
C TRP A 198 -30.42 27.54 -4.71
N PHE A 199 -29.90 26.89 -5.75
CA PHE A 199 -29.22 27.61 -6.83
C PHE A 199 -29.94 27.52 -8.18
N PHE A 200 -31.18 27.03 -8.22
CA PHE A 200 -32.00 26.98 -9.44
C PHE A 200 -33.15 27.99 -9.30
N ASP A 201 -32.84 29.26 -9.58
CA ASP A 201 -33.77 30.35 -9.25
C ASP A 201 -35.01 30.39 -10.13
N GLU A 202 -35.10 29.61 -11.21
CA GLU A 202 -36.29 29.64 -12.04
C GLU A 202 -37.17 28.40 -11.86
N ILE A 203 -36.89 27.58 -10.86
CA ILE A 203 -37.59 26.32 -10.60
C ILE A 203 -38.36 26.44 -9.28
N ASP A 204 -39.65 26.11 -9.30
CA ASP A 204 -40.44 26.14 -8.08
C ASP A 204 -40.12 24.90 -7.24
N TYR A 205 -40.14 25.06 -5.93
CA TYR A 205 -39.85 23.96 -5.01
C TYR A 205 -40.72 24.12 -3.76
N PRO A 206 -40.97 23.02 -3.03
CA PRO A 206 -40.50 21.68 -3.41
C PRO A 206 -41.11 21.21 -4.73
N ILE A 207 -40.34 20.43 -5.46
CA ILE A 207 -40.72 19.95 -6.78
C ILE A 207 -41.70 18.80 -6.60
N HIS A 208 -42.80 18.82 -7.35
CA HIS A 208 -43.83 17.78 -7.32
C HIS A 208 -43.40 16.64 -8.25
N ILE A 209 -43.28 15.43 -7.72
CA ILE A 209 -42.83 14.28 -8.50
C ILE A 209 -43.74 13.08 -8.20
N PRO A 210 -43.75 12.09 -9.10
CA PRO A 210 -44.41 10.83 -8.75
C PRO A 210 -43.65 10.15 -7.63
N ASP A 211 -44.38 9.45 -6.77
CA ASP A 211 -43.76 8.74 -5.66
C ASP A 211 -42.70 7.77 -6.16
N PRO A 212 -41.47 7.87 -5.69
CA PRO A 212 -40.47 6.94 -6.23
C PRO A 212 -40.62 5.53 -5.82
N GLU A 213 -41.31 5.28 -4.76
CA GLU A 213 -41.49 3.94 -4.34
C GLU A 213 -42.52 3.14 -5.09
N THR A 214 -43.35 3.87 -5.84
CA THR A 214 -44.38 3.31 -6.71
C THR A 214 -43.62 3.28 -8.03
N LYS A 215 -42.82 2.24 -8.17
CA LYS A 215 -41.90 2.04 -9.26
C LYS A 215 -41.36 0.62 -9.05
N PRO A 216 -40.94 -0.07 -10.13
CA PRO A 216 -40.51 -1.47 -10.09
C PRO A 216 -39.69 -2.00 -8.92
N THR A 217 -38.79 -1.23 -8.32
CA THR A 217 -38.01 -1.67 -7.15
C THR A 217 -37.13 -2.94 -7.45
N SER A 218 -36.01 -2.76 -8.17
CA SER A 218 -35.22 -3.93 -8.60
C SER A 218 -33.95 -4.38 -7.84
N TYR A 219 -33.95 -5.67 -7.58
CA TYR A 219 -33.01 -6.37 -6.74
C TYR A 219 -31.51 -6.30 -6.96
N VAL A 220 -30.79 -6.28 -5.83
CA VAL A 220 -29.35 -6.24 -5.78
C VAL A 220 -28.77 -7.57 -5.43
N THR A 221 -29.58 -8.53 -5.01
CA THR A 221 -28.98 -9.81 -4.69
C THR A 221 -29.06 -10.82 -5.80
N THR A 222 -29.54 -10.38 -6.95
CA THR A 222 -29.64 -11.26 -8.09
C THR A 222 -28.24 -11.65 -8.53
N PRO A 223 -28.06 -12.92 -8.94
CA PRO A 223 -26.75 -13.44 -9.37
C PRO A 223 -26.15 -12.70 -10.55
N THR A 224 -24.86 -12.36 -10.46
CA THR A 224 -24.16 -11.69 -11.50
C THR A 224 -22.99 -12.47 -11.92
N ASN A 225 -22.40 -12.05 -13.01
CA ASN A 225 -21.21 -12.69 -13.39
C ASN A 225 -20.05 -11.72 -13.22
N LEU A 226 -20.21 -10.68 -12.47
CA LEU A 226 -19.20 -9.65 -12.35
C LEU A 226 -17.99 -10.00 -11.52
N GLN A 227 -16.86 -9.38 -11.82
CA GLN A 227 -15.62 -9.49 -11.08
C GLN A 227 -15.13 -8.08 -10.76
N GLU A 228 -14.29 -7.96 -9.72
CA GLU A 228 -13.59 -6.70 -9.48
C GLU A 228 -12.10 -6.95 -9.51
N LYS A 229 -11.38 -6.00 -10.08
CA LYS A 229 -9.92 -6.03 -10.14
C LYS A 229 -9.42 -4.69 -9.67
N MET A 230 -8.24 -4.68 -9.06
CA MET A 230 -7.60 -3.40 -8.76
C MET A 230 -6.57 -3.10 -9.83
N PHE A 231 -6.54 -1.85 -10.32
CA PHE A 231 -5.54 -1.39 -11.29
C PHE A 231 -4.68 -0.36 -10.59
N HIS A 232 -3.37 -0.50 -10.66
CA HIS A 232 -2.50 0.56 -10.15
C HIS A 232 -1.74 1.16 -11.31
N VAL A 233 -1.67 2.49 -11.37
CA VAL A 233 -0.90 3.15 -12.40
C VAL A 233 0.18 3.95 -11.68
N THR A 234 1.45 3.64 -11.98
CA THR A 234 2.55 4.34 -11.33
C THR A 234 2.63 5.78 -11.80
N LYS A 235 3.31 6.62 -11.00
CA LYS A 235 3.66 7.98 -11.45
C LYS A 235 4.34 7.99 -12.84
N GLU A 236 5.31 7.10 -13.06
CA GLU A 236 5.99 7.03 -14.35
C GLU A 236 4.98 6.76 -15.47
N ASN A 237 4.04 5.85 -15.24
CA ASN A 237 3.14 5.50 -16.32
C ASN A 237 2.02 6.50 -16.49
N VAL A 238 1.65 7.20 -15.45
CA VAL A 238 0.69 8.26 -15.61
C VAL A 238 1.30 9.32 -16.50
N LEU A 239 2.54 9.64 -16.24
CA LEU A 239 3.21 10.65 -17.02
C LEU A 239 3.34 10.26 -18.50
N LYS A 240 3.64 8.98 -18.72
CA LYS A 240 3.79 8.44 -20.06
C LYS A 240 2.49 8.57 -20.83
N LEU A 241 1.38 8.24 -20.18
CA LEU A 241 0.09 8.33 -20.83
C LEU A 241 -0.26 9.79 -21.06
N ASP A 242 -0.01 10.61 -20.07
CA ASP A 242 -0.23 12.06 -20.22
C ASP A 242 0.49 12.61 -21.44
N ALA A 243 1.78 12.27 -21.58
CA ALA A 243 2.54 12.84 -22.69
C ALA A 243 2.02 12.32 -24.02
N LYS A 244 1.71 11.03 -24.09
CA LYS A 244 1.21 10.44 -25.34
C LYS A 244 -0.14 11.05 -25.74
N ALA A 245 -1.05 11.18 -24.78
CA ALA A 245 -2.35 11.79 -25.10
C ALA A 245 -2.17 13.23 -25.60
N ASN A 246 -1.32 14.01 -24.92
CA ASN A 246 -1.10 15.40 -25.35
C ASN A 246 -0.40 15.48 -26.70
N ASP A 247 0.45 14.53 -27.03
CA ASP A 247 1.18 14.49 -28.30
C ASP A 247 0.17 14.30 -29.42
N GLU A 248 -0.84 13.46 -29.18
CA GLU A 248 -1.84 13.19 -30.24
C GLU A 248 -2.96 14.23 -30.27
N ALA A 249 -3.24 14.89 -29.17
CA ALA A 249 -4.43 15.74 -28.99
C ALA A 249 -4.21 17.18 -29.43
N ASP A 250 -5.32 17.84 -29.78
CA ASP A 250 -5.23 19.22 -30.21
C ASP A 250 -5.51 20.23 -29.10
N GLN A 251 -5.97 19.78 -27.94
CA GLN A 251 -6.13 20.65 -26.78
C GLN A 251 -5.32 20.09 -25.63
N LYS A 252 -5.14 20.87 -24.56
CA LYS A 252 -4.42 20.36 -23.39
C LYS A 252 -5.25 19.30 -22.67
N ILE A 253 -4.59 18.16 -22.34
CA ILE A 253 -5.21 17.00 -21.70
C ILE A 253 -4.57 16.81 -20.32
N SER A 254 -5.38 16.65 -19.29
CA SER A 254 -4.83 16.41 -17.96
C SER A 254 -4.37 14.95 -17.79
N SER A 255 -3.54 14.70 -16.75
CA SER A 255 -3.09 13.34 -16.47
C SER A 255 -4.26 12.38 -16.29
N ILE A 256 -5.25 12.76 -15.47
CA ILE A 256 -6.36 11.85 -15.23
C ILE A 256 -7.18 11.65 -16.49
N GLN A 257 -7.37 12.69 -17.31
CA GLN A 257 -8.10 12.45 -18.57
C GLN A 257 -7.37 11.43 -19.44
N ALA A 258 -6.03 11.53 -19.51
CA ALA A 258 -5.29 10.61 -20.37
C ALA A 258 -5.43 9.18 -19.85
N VAL A 259 -5.32 9.00 -18.54
CA VAL A 259 -5.38 7.64 -17.98
C VAL A 259 -6.80 7.08 -18.12
N LEU A 260 -7.82 7.89 -17.85
CA LEU A 260 -9.20 7.39 -18.04
C LEU A 260 -9.45 7.02 -19.49
N ALA A 261 -8.97 7.87 -20.42
CA ALA A 261 -9.16 7.58 -21.83
C ALA A 261 -8.49 6.27 -22.21
N TYR A 262 -7.30 6.03 -21.66
CA TYR A 262 -6.59 4.79 -21.98
C TYR A 262 -7.38 3.58 -21.47
N ILE A 263 -7.86 3.66 -20.22
CA ILE A 263 -8.66 2.57 -19.64
C ILE A 263 -9.95 2.36 -20.44
N TRP A 264 -10.61 3.45 -20.80
CA TRP A 264 -11.84 3.36 -21.61
C TRP A 264 -11.60 2.60 -22.91
N ARG A 265 -10.60 3.05 -23.67
CA ARG A 265 -10.31 2.39 -24.94
C ARG A 265 -10.02 0.93 -24.73
N SER A 266 -9.26 0.62 -23.68
CA SER A 266 -8.85 -0.76 -23.45
C SER A 266 -10.04 -1.62 -23.06
N MET A 267 -10.91 -1.06 -22.22
CA MET A 267 -12.09 -1.76 -21.74
C MET A 267 -13.02 -2.10 -22.89
N VAL A 268 -13.15 -1.16 -23.83
CA VAL A 268 -14.01 -1.35 -25.00
C VAL A 268 -13.40 -2.31 -26.03
N LYS A 269 -12.07 -2.23 -26.23
CA LYS A 269 -11.37 -3.16 -27.09
C LYS A 269 -11.69 -4.62 -26.72
N HIS A 270 -11.81 -4.90 -25.43
CA HIS A 270 -11.99 -6.28 -24.94
C HIS A 270 -13.42 -6.60 -24.51
N SER A 271 -14.35 -5.69 -24.77
CA SER A 271 -15.74 -5.80 -24.33
C SER A 271 -16.56 -6.83 -25.09
N GLY A 272 -16.26 -7.09 -26.34
CA GLY A 272 -17.21 -7.87 -27.14
C GLY A 272 -18.34 -7.07 -27.74
N MET A 273 -18.35 -5.74 -27.54
CA MET A 273 -19.37 -4.92 -28.16
C MET A 273 -19.16 -4.80 -29.66
N SER A 274 -20.26 -4.70 -30.39
CA SER A 274 -20.18 -4.47 -31.81
C SER A 274 -19.74 -3.03 -32.08
N ARG A 275 -19.13 -2.84 -33.24
CA ARG A 275 -18.61 -1.51 -33.59
C ARG A 275 -19.70 -0.43 -33.63
N GLU A 276 -20.93 -0.82 -33.97
CA GLU A 276 -22.03 0.11 -34.11
C GLU A 276 -22.67 0.49 -32.78
N GLU A 277 -22.35 -0.19 -31.68
CA GLU A 277 -22.87 0.16 -30.37
C GLU A 277 -22.26 1.49 -29.91
N GLU A 278 -23.04 2.22 -29.10
CA GLU A 278 -22.56 3.43 -28.44
C GLU A 278 -22.00 3.08 -27.04
N THR A 279 -20.88 3.68 -26.70
CA THR A 279 -20.32 3.50 -25.39
C THR A 279 -20.16 4.90 -24.82
N HIS A 280 -20.31 4.98 -23.52
CA HIS A 280 -20.35 6.28 -22.84
C HIS A 280 -19.28 6.24 -21.78
N CYS A 281 -18.68 7.41 -21.52
CA CYS A 281 -17.88 7.61 -20.31
C CYS A 281 -18.63 8.60 -19.45
N ARG A 282 -19.00 8.15 -18.25
CA ARG A 282 -19.81 8.91 -17.31
C ARG A 282 -18.82 9.39 -16.27
N LEU A 283 -18.85 10.67 -15.97
CA LEU A 283 -17.82 11.25 -15.08
C LEU A 283 -18.48 12.21 -14.10
N PRO A 284 -18.17 12.13 -12.81
CA PRO A 284 -18.73 13.12 -11.88
C PRO A 284 -18.07 14.46 -12.12
N ILE A 285 -18.89 15.50 -12.10
CA ILE A 285 -18.44 16.88 -12.29
C ILE A 285 -18.88 17.66 -11.05
N ASN A 286 -17.93 18.23 -10.32
CA ASN A 286 -18.25 19.13 -9.19
C ASN A 286 -18.68 20.46 -9.79
N MET A 287 -19.95 20.83 -9.61
CA MET A 287 -20.47 22.03 -10.27
C MET A 287 -20.34 23.31 -9.45
N ARG A 288 -19.74 23.26 -8.26
CA ARG A 288 -19.73 24.45 -7.39
C ARG A 288 -19.16 25.66 -8.13
N GLN A 289 -18.05 25.48 -8.83
CA GLN A 289 -17.37 26.60 -9.49
C GLN A 289 -17.84 26.84 -10.92
N ARG A 290 -18.67 25.98 -11.45
CA ARG A 290 -19.21 26.18 -12.78
C ARG A 290 -20.54 26.91 -12.77
N LEU A 291 -21.27 26.82 -11.65
CA LEU A 291 -22.49 27.59 -11.53
C LEU A 291 -22.17 29.08 -11.47
N ASN A 292 -23.17 29.87 -11.82
CA ASN A 292 -23.08 31.33 -11.86
C ASN A 292 -24.25 31.90 -11.08
N PRO A 293 -24.02 32.53 -9.93
CA PRO A 293 -22.70 32.72 -9.34
C PRO A 293 -22.17 31.42 -8.81
N PRO A 294 -20.84 31.31 -8.71
CA PRO A 294 -20.27 30.07 -8.18
C PRO A 294 -20.62 29.96 -6.70
N LEU A 295 -20.66 28.72 -6.22
CA LEU A 295 -20.82 28.42 -4.81
C LEU A 295 -19.44 28.29 -4.17
N GLU A 296 -19.39 28.49 -2.86
CA GLU A 296 -18.14 28.35 -2.11
C GLU A 296 -17.62 26.92 -2.22
N GLU A 297 -16.31 26.77 -2.32
CA GLU A 297 -15.68 25.45 -2.45
C GLU A 297 -15.97 24.50 -1.30
N GLU A 298 -16.41 25.02 -0.17
CA GLU A 298 -16.71 24.19 0.99
C GLU A 298 -18.20 24.02 1.25
N CYS A 299 -19.06 24.49 0.36
CA CYS A 299 -20.48 24.32 0.66
C CYS A 299 -20.84 22.85 0.63
N PHE A 300 -21.70 22.47 1.57
CA PHE A 300 -22.02 21.09 1.87
C PHE A 300 -23.29 20.69 1.14
N GLY A 301 -23.26 19.49 0.54
CA GLY A 301 -24.46 18.92 -0.07
C GLY A 301 -24.06 18.32 -1.41
N ASN A 302 -25.01 17.81 -2.18
CA ASN A 302 -24.66 17.26 -3.48
C ASN A 302 -24.72 18.39 -4.52
N VAL A 303 -23.55 18.78 -5.02
CA VAL A 303 -23.46 19.74 -6.10
C VAL A 303 -22.66 19.08 -7.21
N SER A 304 -22.97 17.81 -7.49
CA SER A 304 -22.24 17.09 -8.53
C SER A 304 -23.20 16.69 -9.64
N GLN A 305 -22.72 16.76 -10.88
CA GLN A 305 -23.58 16.39 -11.99
C GLN A 305 -22.82 15.30 -12.73
N THR A 306 -23.54 14.40 -13.37
CA THR A 306 -22.86 13.36 -14.15
C THR A 306 -22.71 13.84 -15.60
N GLY A 307 -21.48 13.95 -16.07
CA GLY A 307 -21.25 14.29 -17.44
C GLY A 307 -21.13 13.01 -18.23
N ILE A 308 -21.58 13.05 -19.48
CA ILE A 308 -21.60 11.84 -20.28
C ILE A 308 -20.95 12.13 -21.63
N ALA A 309 -19.87 11.42 -21.94
CA ALA A 309 -19.25 11.48 -23.27
C ALA A 309 -19.72 10.28 -24.06
N THR A 310 -20.23 10.53 -25.27
CA THR A 310 -20.79 9.46 -26.08
C THR A 310 -19.98 9.27 -27.36
N VAL A 311 -19.62 8.03 -27.68
CA VAL A 311 -19.01 7.73 -28.98
C VAL A 311 -19.51 6.35 -29.41
N THR A 312 -19.28 6.00 -30.66
CA THR A 312 -19.45 4.58 -31.02
C THR A 312 -18.21 3.78 -30.69
N VAL A 313 -18.41 2.48 -30.46
CA VAL A 313 -17.29 1.56 -30.27
C VAL A 313 -16.30 1.68 -31.42
N GLY A 314 -16.81 1.69 -32.65
CA GLY A 314 -15.93 1.74 -33.80
C GLY A 314 -15.08 3.00 -33.80
N GLU A 315 -15.70 4.14 -33.47
CA GLU A 315 -14.98 5.40 -33.39
C GLU A 315 -13.86 5.35 -32.35
N LEU A 316 -14.18 4.82 -31.16
CA LEU A 316 -13.22 4.78 -30.07
C LEU A 316 -12.06 3.88 -30.42
N LEU A 317 -12.32 2.77 -31.11
CA LEU A 317 -11.23 1.88 -31.46
C LEU A 317 -10.43 2.40 -32.65
N ASP A 318 -11.09 3.09 -33.59
CA ASP A 318 -10.42 3.57 -34.80
C ASP A 318 -9.53 4.77 -34.49
N HIS A 319 -9.91 5.61 -33.54
CA HIS A 319 -9.07 6.77 -33.22
C HIS A 319 -8.09 6.36 -32.11
N GLY A 320 -7.14 7.25 -31.79
CA GLY A 320 -6.14 6.98 -30.78
C GLY A 320 -6.45 7.53 -29.39
N LEU A 321 -5.43 7.46 -28.54
CA LEU A 321 -5.58 7.83 -27.13
C LEU A 321 -5.95 9.31 -27.00
N GLY A 322 -5.26 10.16 -27.75
CA GLY A 322 -5.52 11.60 -27.65
C GLY A 322 -6.96 11.95 -28.02
N TRP A 323 -7.50 11.29 -29.03
CA TRP A 323 -8.89 11.54 -29.42
C TRP A 323 -9.86 11.13 -28.34
N ALA A 324 -9.63 9.96 -27.71
CA ALA A 324 -10.51 9.58 -26.60
C ALA A 324 -10.45 10.59 -25.45
N ALA A 325 -9.24 11.04 -25.13
CA ALA A 325 -9.07 12.02 -24.06
C ALA A 325 -9.75 13.33 -24.43
N MET A 326 -9.72 13.73 -25.70
CA MET A 326 -10.45 14.91 -26.14
C MET A 326 -11.95 14.72 -25.99
N GLN A 327 -12.48 13.51 -26.23
CA GLN A 327 -13.91 13.35 -26.00
C GLN A 327 -14.26 13.61 -24.54
N ILE A 328 -13.40 13.11 -23.64
CA ILE A 328 -13.67 13.35 -22.22
C ILE A 328 -13.59 14.84 -21.90
N ASN A 329 -12.51 15.48 -22.34
CA ASN A 329 -12.31 16.90 -22.01
C ASN A 329 -13.40 17.77 -22.63
N ASN A 330 -13.78 17.48 -23.89
CA ASN A 330 -14.84 18.24 -24.53
C ASN A 330 -16.14 18.14 -23.76
N MET A 331 -16.46 16.94 -23.28
CA MET A 331 -17.63 16.74 -22.42
C MET A 331 -17.53 17.55 -21.14
N GLU A 332 -16.36 17.57 -20.51
CA GLU A 332 -16.24 18.37 -19.29
C GLU A 332 -16.45 19.86 -19.58
N LEU A 333 -15.84 20.36 -20.66
CA LEU A 333 -16.03 21.77 -21.02
C LEU A 333 -17.48 22.13 -21.29
N SER A 334 -18.28 21.16 -21.75
CA SER A 334 -19.67 21.43 -22.08
C SER A 334 -20.55 21.58 -20.84
N GLN A 335 -20.06 21.18 -19.65
CA GLN A 335 -20.88 21.17 -18.43
C GLN A 335 -20.98 22.57 -17.83
N THR A 336 -21.79 23.42 -18.49
CA THR A 336 -21.89 24.83 -18.15
C THR A 336 -23.07 25.14 -17.21
N ASP A 337 -23.05 26.37 -16.69
CA ASP A 337 -24.16 26.86 -15.86
C ASP A 337 -25.45 26.92 -16.67
N GLU A 338 -25.41 27.57 -17.85
CA GLU A 338 -26.64 27.70 -18.63
C GLU A 338 -27.18 26.33 -18.98
N LYS A 339 -26.30 25.41 -19.37
CA LYS A 339 -26.67 24.02 -19.61
C LYS A 339 -27.36 23.38 -18.41
N ALA A 340 -26.73 23.49 -17.24
CA ALA A 340 -27.30 22.87 -16.04
C ALA A 340 -28.70 23.39 -15.76
N LYS A 341 -28.90 24.70 -15.88
CA LYS A 341 -30.19 25.28 -15.49
C LYS A 341 -31.27 24.94 -16.51
N ALA A 342 -30.96 25.09 -17.80
CA ALA A 342 -31.91 24.70 -18.84
C ALA A 342 -32.32 23.25 -18.67
N PHE A 343 -31.36 22.38 -18.40
CA PHE A 343 -31.69 20.97 -18.23
C PHE A 343 -32.52 20.72 -16.95
N ALA A 344 -32.27 21.46 -15.86
CA ALA A 344 -33.12 21.30 -14.67
C ALA A 344 -34.57 21.71 -14.96
N GLU A 345 -34.74 22.79 -15.69
CA GLU A 345 -36.09 23.21 -16.05
C GLU A 345 -36.76 22.18 -16.95
N ASN A 346 -36.01 21.52 -17.85
CA ASN A 346 -36.62 20.47 -18.66
C ASN A 346 -36.95 19.24 -17.82
N TRP A 347 -36.11 18.93 -16.84
CA TRP A 347 -36.37 17.78 -15.98
C TRP A 347 -37.70 17.92 -15.24
N VAL A 348 -38.02 19.13 -14.78
CA VAL A 348 -39.25 19.27 -14.02
C VAL A 348 -40.49 18.98 -14.87
N LYS A 349 -40.41 19.09 -16.19
CA LYS A 349 -41.54 18.76 -17.03
C LYS A 349 -41.42 17.38 -17.66
N ASN A 350 -40.36 16.62 -17.40
CA ASN A 350 -40.24 15.23 -17.85
C ASN A 350 -39.43 14.47 -16.80
N ILE A 351 -40.07 14.20 -15.65
CA ILE A 351 -39.34 13.63 -14.53
C ILE A 351 -38.81 12.26 -14.90
N LYS A 352 -37.53 12.04 -14.62
CA LYS A 352 -36.86 10.77 -14.86
C LYS A 352 -36.10 10.37 -13.61
N ILE A 353 -36.52 9.27 -13.00
CA ILE A 353 -35.89 8.77 -11.78
C ILE A 353 -35.54 7.32 -12.05
N PRO A 354 -34.44 7.05 -12.76
CA PRO A 354 -34.13 5.68 -13.20
C PRO A 354 -33.71 4.78 -12.05
N VAL A 355 -33.80 3.48 -12.30
CA VAL A 355 -33.34 2.52 -11.30
C VAL A 355 -31.87 2.16 -11.45
N SER A 356 -31.31 2.38 -12.62
CA SER A 356 -29.92 2.04 -12.86
C SER A 356 -29.32 2.94 -13.91
N VAL A 357 -28.01 2.90 -13.98
CA VAL A 357 -27.23 3.66 -14.90
C VAL A 357 -26.95 3.02 -16.28
N GLY A 358 -26.88 1.70 -16.32
CA GLY A 358 -26.60 0.99 -17.54
C GLY A 358 -25.30 0.26 -17.35
N SER A 359 -25.20 -0.91 -17.95
CA SER A 359 -24.05 -1.75 -17.80
C SER A 359 -23.04 -1.79 -18.95
N LYS A 360 -23.19 -1.03 -20.00
CA LYS A 360 -22.21 -1.07 -21.08
C LYS A 360 -21.33 0.15 -21.27
N ASP A 361 -21.12 0.90 -20.21
CA ASP A 361 -20.33 2.13 -20.23
C ASP A 361 -19.05 2.03 -19.39
N LEU A 362 -18.21 3.07 -19.45
CA LEU A 362 -17.22 3.28 -18.40
C LEU A 362 -17.87 4.23 -17.39
N VAL A 363 -18.12 3.75 -16.17
CA VAL A 363 -18.87 4.53 -15.19
C VAL A 363 -17.88 4.98 -14.12
N VAL A 364 -17.29 6.18 -14.32
CA VAL A 364 -16.23 6.65 -13.43
C VAL A 364 -16.85 7.20 -12.16
N THR A 365 -16.29 6.86 -11.01
CA THR A 365 -16.85 7.40 -9.78
C THR A 365 -15.75 7.66 -8.78
N ASN A 366 -16.12 8.36 -7.70
CA ASN A 366 -15.13 8.94 -6.78
C ASN A 366 -14.27 9.91 -7.58
N SER A 367 -13.03 10.15 -7.14
CA SER A 367 -12.23 11.12 -7.88
C SER A 367 -10.77 10.96 -7.46
N HIS A 368 -9.86 11.25 -8.39
CA HIS A 368 -8.44 11.31 -8.04
C HIS A 368 -8.14 12.50 -7.11
N ARG A 369 -9.04 13.43 -6.96
CA ARG A 369 -8.76 14.61 -6.17
C ARG A 369 -8.91 14.48 -4.66
N PHE A 370 -9.54 13.41 -4.22
CA PHE A 370 -9.88 13.29 -2.81
C PHE A 370 -8.68 12.69 -2.11
N ASP A 371 -8.20 13.34 -1.09
CA ASP A 371 -7.06 12.86 -0.35
C ASP A 371 -7.56 11.77 0.62
N VAL A 372 -7.83 10.59 0.16
CA VAL A 372 -8.34 9.55 1.03
C VAL A 372 -7.37 9.03 2.11
N TYR A 373 -6.09 9.23 1.95
CA TYR A 373 -5.11 8.78 2.92
C TYR A 373 -4.88 9.74 4.05
N CYS A 374 -5.46 10.92 3.98
CA CYS A 374 -5.34 11.86 5.07
C CYS A 374 -6.26 11.56 6.31
N ASN A 375 -6.94 10.47 6.33
CA ASN A 375 -7.85 10.06 7.31
C ASN A 375 -7.23 9.21 8.40
N ASP A 376 -6.26 9.80 9.07
CA ASP A 376 -5.66 9.16 10.23
C ASP A 376 -6.56 9.38 11.44
N PHE A 377 -7.17 8.29 11.95
CA PHE A 377 -8.05 8.41 13.10
C PHE A 377 -7.31 8.41 14.43
N GLY A 378 -5.97 8.30 14.38
CA GLY A 378 -5.18 8.33 15.60
C GLY A 378 -4.16 7.23 15.72
N TRP A 379 -4.25 6.23 14.86
CA TRP A 379 -3.34 5.10 14.93
C TRP A 379 -2.59 4.88 13.61
N GLY A 380 -2.59 5.88 12.72
CA GLY A 380 -1.96 5.74 11.41
C GLY A 380 -2.91 5.96 10.26
N LYS A 381 -2.37 6.42 9.14
CA LYS A 381 -3.19 6.62 7.96
C LYS A 381 -3.68 5.28 7.43
N PRO A 382 -4.79 5.28 6.72
CA PRO A 382 -5.26 4.01 6.14
C PRO A 382 -4.25 3.43 5.16
N ILE A 383 -4.38 2.12 4.92
CA ILE A 383 -3.50 1.44 3.99
C ILE A 383 -4.20 1.11 2.67
N ALA A 384 -5.47 1.35 2.57
CA ALA A 384 -6.26 1.16 1.36
C ALA A 384 -7.60 1.87 1.46
N ALA A 385 -8.14 2.18 0.31
CA ALA A 385 -9.45 2.80 0.17
C ALA A 385 -10.20 1.97 -0.84
N ARG A 386 -11.42 1.59 -0.53
CA ARG A 386 -12.17 0.72 -1.45
C ARG A 386 -13.65 1.10 -1.51
N ALA A 387 -14.31 0.59 -2.52
CA ALA A 387 -15.73 0.73 -2.71
C ALA A 387 -16.45 -0.59 -2.42
N GLY A 388 -17.71 -0.46 -2.05
CA GLY A 388 -18.52 -1.61 -1.71
C GLY A 388 -19.56 -1.84 -2.79
N PRO A 389 -20.55 -2.68 -2.48
CA PRO A 389 -21.70 -2.87 -3.42
C PRO A 389 -22.46 -1.57 -3.57
N PRO A 390 -23.36 -1.47 -4.56
CA PRO A 390 -23.69 -2.54 -5.49
C PRO A 390 -22.67 -2.65 -6.59
N TYR A 391 -22.69 -3.78 -7.27
CA TYR A 391 -21.70 -4.02 -8.33
C TYR A 391 -22.38 -3.73 -9.67
N LEU A 392 -21.67 -3.03 -10.53
CA LEU A 392 -22.20 -2.57 -11.81
C LEU A 392 -21.14 -2.76 -12.88
N ASN A 393 -21.47 -3.42 -14.01
CA ASN A 393 -20.47 -3.56 -15.05
C ASN A 393 -20.00 -2.21 -15.57
N GLY A 394 -18.69 -2.05 -15.63
CA GLY A 394 -18.15 -0.79 -16.10
C GLY A 394 -17.86 0.20 -14.98
N ARG A 395 -18.21 -0.12 -13.73
CA ARG A 395 -17.83 0.81 -12.66
C ARG A 395 -16.32 0.93 -12.54
N LEU A 396 -15.83 2.16 -12.43
CA LEU A 396 -14.39 2.40 -12.32
C LEU A 396 -14.21 3.39 -11.16
N VAL A 397 -13.90 2.90 -9.96
CA VAL A 397 -13.77 3.81 -8.80
C VAL A 397 -12.34 4.35 -8.79
N VAL A 398 -12.20 5.67 -8.81
CA VAL A 398 -10.87 6.27 -8.89
C VAL A 398 -10.43 6.62 -7.49
N PHE A 399 -9.21 6.24 -7.13
CA PHE A 399 -8.59 6.66 -5.88
C PHE A 399 -7.22 7.25 -6.15
N LYS A 400 -6.91 8.38 -5.49
CA LYS A 400 -5.54 8.82 -5.44
C LYS A 400 -4.68 7.72 -4.81
N GLY A 401 -3.47 7.54 -5.30
CA GLY A 401 -2.59 6.54 -4.71
C GLY A 401 -2.05 6.96 -3.34
N ILE A 402 -1.57 5.96 -2.57
CA ILE A 402 -0.76 6.26 -1.37
C ILE A 402 0.37 7.19 -1.78
N GLY A 403 0.88 6.96 -2.96
CA GLY A 403 1.84 7.87 -3.55
C GLY A 403 0.95 8.86 -4.28
N GLU A 404 0.97 10.13 -3.88
CA GLU A 404 0.11 11.16 -4.48
C GLU A 404 0.10 11.26 -6.02
N ALA A 405 1.22 10.91 -6.64
CA ALA A 405 1.39 10.98 -8.09
C ALA A 405 0.84 9.76 -8.82
N SER A 406 0.44 8.75 -8.09
CA SER A 406 -0.01 7.48 -8.65
C SER A 406 -1.52 7.38 -8.56
N LEU A 407 -2.08 6.36 -9.22
CA LEU A 407 -3.53 6.23 -9.24
C LEU A 407 -3.88 4.79 -8.96
N ASP A 408 -4.98 4.57 -8.25
CA ASP A 408 -5.57 3.24 -8.10
C ASP A 408 -6.99 3.25 -8.62
N PHE A 409 -7.41 2.17 -9.28
CA PHE A 409 -8.77 2.08 -9.78
C PHE A 409 -9.35 0.74 -9.35
N GLN A 410 -10.56 0.76 -8.88
CA GLN A 410 -11.28 -0.48 -8.57
C GLN A 410 -12.30 -0.70 -9.65
N ALA A 411 -12.07 -1.68 -10.54
CA ALA A 411 -12.83 -1.86 -11.76
C ALA A 411 -13.77 -3.06 -11.64
N CYS A 412 -15.00 -2.88 -12.06
CA CYS A 412 -15.98 -3.96 -12.04
C CYS A 412 -16.23 -4.34 -13.49
N LEU A 413 -16.00 -5.62 -13.82
CA LEU A 413 -15.92 -6.03 -15.23
C LEU A 413 -16.51 -7.43 -15.37
N LEU A 414 -16.90 -7.76 -16.60
CA LEU A 414 -17.32 -9.13 -16.88
C LEU A 414 -16.08 -10.04 -16.93
N PRO A 415 -16.27 -11.32 -16.58
CA PRO A 415 -15.13 -12.25 -16.57
C PRO A 415 -14.38 -12.37 -17.90
N GLN A 416 -15.10 -12.40 -19.03
CA GLN A 416 -14.45 -12.53 -20.33
C GLN A 416 -13.56 -11.31 -20.63
N VAL A 417 -14.01 -10.13 -20.19
CA VAL A 417 -13.23 -8.92 -20.38
C VAL A 417 -11.95 -8.98 -19.56
N VAL A 418 -12.05 -9.38 -18.28
CA VAL A 418 -10.86 -9.55 -17.46
C VAL A 418 -9.89 -10.51 -18.12
N GLU A 419 -10.40 -11.65 -18.58
CA GLU A 419 -9.53 -12.66 -19.16
C GLU A 419 -8.71 -12.06 -20.30
N LYS A 420 -9.36 -11.21 -21.13
CA LYS A 420 -8.63 -10.64 -22.26
C LYS A 420 -7.68 -9.53 -21.81
N LEU A 421 -8.12 -8.75 -20.83
CA LEU A 421 -7.35 -7.64 -20.30
C LEU A 421 -6.04 -8.12 -19.69
N VAL A 422 -6.09 -9.22 -18.95
CA VAL A 422 -4.86 -9.74 -18.33
C VAL A 422 -3.84 -10.22 -19.38
N LYS A 423 -4.26 -10.55 -20.62
CA LYS A 423 -3.35 -10.96 -21.69
C LYS A 423 -2.99 -9.83 -22.64
N ASP A 424 -3.43 -8.61 -22.35
CA ASP A 424 -3.16 -7.49 -23.21
C ASP A 424 -1.79 -6.99 -22.79
N ALA A 425 -0.78 -7.28 -23.60
CA ALA A 425 0.61 -7.02 -23.21
C ALA A 425 0.82 -5.53 -22.90
N GLU A 426 0.39 -4.65 -23.81
CA GLU A 426 0.63 -3.21 -23.65
C GLU A 426 -0.12 -2.68 -22.45
N PHE A 427 -1.39 -3.09 -22.29
CA PHE A 427 -2.12 -2.65 -21.11
C PHE A 427 -1.37 -2.98 -19.83
N ASN A 428 -0.85 -4.20 -19.73
CA ASN A 428 -0.13 -4.59 -18.52
C ASN A 428 1.25 -3.95 -18.43
N GLU A 429 1.72 -3.29 -19.48
CA GLU A 429 2.91 -2.43 -19.32
C GLU A 429 2.55 -1.14 -18.61
N TYR A 430 1.43 -0.53 -19.00
CA TYR A 430 1.05 0.73 -18.36
C TYR A 430 0.35 0.56 -17.01
N VAL A 431 -0.30 -0.57 -16.78
CA VAL A 431 -1.20 -0.78 -15.63
C VAL A 431 -0.80 -2.06 -14.91
N SER A 432 -0.72 -2.02 -13.60
CA SER A 432 -0.48 -3.20 -12.76
C SER A 432 -1.82 -3.72 -12.29
N ILE A 433 -2.21 -4.91 -12.76
CA ILE A 433 -3.48 -5.52 -12.38
C ILE A 433 -3.21 -6.49 -11.25
N VAL A 434 -4.01 -6.39 -10.20
CA VAL A 434 -3.95 -7.39 -9.14
C VAL A 434 -5.33 -7.99 -8.90
N GLU B 4 19.43 18.01 -4.60
CA GLU B 4 18.58 16.83 -4.74
C GLU B 4 18.48 16.24 -3.36
N LEU B 5 19.65 16.10 -2.72
CA LEU B 5 19.73 15.67 -1.34
C LEU B 5 20.47 16.74 -0.59
N VAL B 6 19.85 17.37 0.38
CA VAL B 6 20.47 18.41 1.19
C VAL B 6 20.62 17.88 2.61
N VAL B 7 21.82 18.04 3.18
CA VAL B 7 22.07 17.55 4.53
C VAL B 7 21.71 18.66 5.51
N ILE B 8 20.80 18.35 6.42
CA ILE B 8 20.39 19.32 7.45
C ILE B 8 21.34 19.29 8.63
N SER B 9 21.72 18.11 9.07
CA SER B 9 22.54 18.00 10.27
C SER B 9 23.15 16.61 10.32
N LYS B 10 24.27 16.50 11.05
CA LYS B 10 24.93 15.24 11.34
C LYS B 10 25.32 15.19 12.82
N SER B 11 25.05 14.08 13.48
CA SER B 11 25.33 13.99 14.89
C SER B 11 25.89 12.61 15.17
N ILE B 12 26.71 12.53 16.21
CA ILE B 12 27.12 11.26 16.79
C ILE B 12 26.19 11.03 17.97
N VAL B 13 25.50 9.90 17.97
CA VAL B 13 24.54 9.57 19.02
C VAL B 13 25.19 8.50 19.89
N ASN B 14 25.51 8.82 21.11
CA ASN B 14 26.06 7.78 21.95
C ASN B 14 24.91 7.19 22.75
N PRO B 15 25.19 6.14 23.53
CA PRO B 15 24.21 5.58 24.48
C PRO B 15 23.84 6.66 25.49
N ARG B 16 22.56 6.69 25.87
CA ARG B 16 22.04 7.75 26.74
C ARG B 16 22.75 7.74 28.08
N SER B 17 23.10 6.59 28.59
CA SER B 17 23.70 6.59 29.90
C SER B 17 25.21 6.80 29.85
N LEU B 18 25.71 7.57 30.81
CA LEU B 18 27.12 7.81 30.82
C LEU B 18 27.71 6.76 31.78
N SER B 23 35.46 -1.34 33.11
CA SER B 23 36.22 -1.62 31.90
C SER B 23 35.37 -1.67 30.62
N VAL B 24 36.03 -1.57 29.48
CA VAL B 24 35.35 -1.57 28.17
C VAL B 24 35.25 -3.01 27.67
N LYS B 25 34.02 -3.50 27.50
CA LYS B 25 33.80 -4.86 27.06
C LYS B 25 34.27 -5.05 25.62
N LYS B 26 34.95 -6.18 25.39
CA LYS B 26 35.45 -6.58 24.09
C LYS B 26 34.62 -7.75 23.56
N ILE B 27 34.25 -7.68 22.29
CA ILE B 27 33.58 -8.78 21.60
C ILE B 27 34.57 -9.32 20.58
N GLN B 28 34.91 -10.61 20.71
CA GLN B 28 35.89 -11.20 19.81
C GLN B 28 35.20 -11.65 18.52
N LEU B 29 35.93 -11.58 17.42
CA LEU B 29 35.38 -11.83 16.10
C LEU B 29 35.69 -13.25 15.67
N THR B 30 34.67 -13.93 15.17
CA THR B 30 34.79 -15.32 14.75
C THR B 30 35.20 -15.35 13.29
N PRO B 31 35.53 -16.52 12.78
CA PRO B 31 35.82 -16.62 11.34
C PRO B 31 34.67 -16.12 10.50
N TRP B 32 33.43 -16.31 10.94
CA TRP B 32 32.32 -15.77 10.16
C TRP B 32 32.42 -14.26 10.05
N ASP B 33 32.75 -13.57 11.15
CA ASP B 33 32.89 -12.12 11.11
C ASP B 33 34.05 -11.71 10.21
N LEU B 34 35.21 -12.30 10.49
CA LEU B 34 36.40 -11.95 9.76
C LEU B 34 36.34 -12.18 8.28
N SER B 35 35.59 -13.17 7.85
CA SER B 35 35.47 -13.47 6.42
C SER B 35 34.77 -12.36 5.61
N ARG B 36 33.94 -11.56 6.29
CA ARG B 36 33.21 -10.50 5.72
C ARG B 36 33.89 -9.14 5.83
N LEU B 37 35.11 -9.10 6.32
CA LEU B 37 35.76 -7.80 6.47
C LEU B 37 35.88 -6.94 5.25
N ARG B 38 35.97 -7.50 4.10
CA ARG B 38 36.10 -6.68 2.89
C ARG B 38 34.77 -6.37 2.22
N PHE B 39 33.65 -6.93 2.71
CA PHE B 39 32.32 -6.67 2.17
C PHE B 39 31.85 -5.28 2.56
N GLY B 40 30.94 -4.69 1.75
CA GLY B 40 30.37 -3.40 2.12
C GLY B 40 29.31 -3.55 3.21
N TYR B 41 29.10 -2.47 3.98
CA TYR B 41 28.00 -2.45 4.93
C TYR B 41 26.69 -2.79 4.23
N LEU B 42 25.82 -3.54 4.93
CA LEU B 42 24.51 -3.85 4.37
C LEU B 42 23.52 -2.72 4.69
N GLN B 43 22.68 -2.39 3.72
CA GLN B 43 21.85 -1.20 3.88
C GLN B 43 20.38 -1.51 3.63
N ARG B 44 19.52 -1.13 4.58
CA ARG B 44 18.08 -1.37 4.48
C ARG B 44 17.35 -0.15 5.03
N GLY B 45 16.04 -0.08 4.89
CA GLY B 45 15.38 1.09 5.47
C GLY B 45 13.89 0.94 5.41
N LEU B 46 13.21 1.89 6.03
CA LEU B 46 11.76 1.87 6.18
C LEU B 46 11.17 3.19 5.74
N LEU B 47 10.05 3.11 5.00
CA LEU B 47 9.36 4.30 4.50
C LEU B 47 8.13 4.60 5.36
N PHE B 48 7.92 5.87 5.70
CA PHE B 48 6.84 6.32 6.58
C PHE B 48 6.13 7.54 6.03
N HIS B 49 4.86 7.72 6.45
CA HIS B 49 4.19 9.00 6.23
C HIS B 49 4.81 10.08 7.07
N LYS B 50 5.22 9.74 8.29
CA LYS B 50 5.57 10.74 9.29
C LYS B 50 6.58 10.18 10.28
N ILE B 51 7.63 10.96 10.57
CA ILE B 51 8.58 10.66 11.63
C ILE B 51 8.97 11.99 12.20
N GLU B 52 9.02 12.18 13.52
CA GLU B 52 9.54 13.38 14.16
C GLU B 52 11.01 13.12 14.47
N VAL B 53 11.87 13.91 13.90
CA VAL B 53 13.31 13.56 13.96
C VAL B 53 13.86 13.68 15.40
N LYS B 54 13.48 14.72 16.15
CA LYS B 54 14.02 14.90 17.49
C LYS B 54 13.78 13.68 18.37
N GLN B 55 12.53 13.16 18.32
CA GLN B 55 12.17 12.01 19.13
C GLN B 55 12.86 10.75 18.63
N LEU B 56 13.04 10.65 17.32
CA LEU B 56 13.77 9.51 16.77
C LEU B 56 15.20 9.47 17.33
N GLN B 57 15.85 10.62 17.35
CA GLN B 57 17.24 10.69 17.85
C GLN B 57 17.36 10.39 19.36
N ALA B 58 16.48 10.98 20.18
CA ALA B 58 16.51 10.71 21.61
C ALA B 58 16.29 9.22 21.89
N SER B 59 15.28 8.64 21.23
CA SER B 59 15.02 7.23 21.44
C SER B 59 16.17 6.35 20.99
N LEU B 60 16.91 6.76 19.94
CA LEU B 60 18.09 5.98 19.52
C LEU B 60 19.13 5.91 20.62
N SER B 61 19.39 7.03 21.31
CA SER B 61 20.31 6.97 22.45
C SER B 61 19.86 5.96 23.51
N VAL B 62 18.56 5.99 23.85
CA VAL B 62 18.04 5.00 24.80
C VAL B 62 18.24 3.57 24.26
N ALA B 63 17.93 3.34 23.00
CA ALA B 63 18.05 1.99 22.42
C ALA B 63 19.50 1.50 22.43
N LEU B 64 20.46 2.40 22.26
CA LEU B 64 21.86 2.03 22.28
C LEU B 64 22.33 1.65 23.68
N ASP B 65 21.62 2.11 24.73
CA ASP B 65 21.92 1.54 26.04
C ASP B 65 21.79 0.03 26.03
N ARG B 66 20.73 -0.47 25.40
CA ARG B 66 20.49 -1.91 25.36
C ARG B 66 21.41 -2.60 24.34
N PHE B 67 21.46 -2.06 23.12
CA PHE B 67 22.22 -2.67 22.02
C PHE B 67 23.56 -1.96 21.91
N TYR B 68 24.29 -1.98 23.03
CA TYR B 68 25.49 -1.14 23.15
C TYR B 68 26.58 -1.54 22.17
N PRO B 69 26.71 -2.79 21.69
CA PRO B 69 27.74 -3.04 20.67
C PRO B 69 27.56 -2.21 19.42
N LEU B 70 26.32 -1.83 19.05
CA LEU B 70 26.11 -1.00 17.86
C LEU B 70 26.72 0.39 18.00
N ALA B 71 27.09 0.79 19.22
CA ALA B 71 27.72 2.07 19.44
C ALA B 71 29.23 1.94 19.58
N GLY B 72 29.78 0.74 19.35
CA GLY B 72 31.20 0.50 19.58
C GLY B 72 32.01 0.79 18.33
N ARG B 73 33.30 0.39 18.38
CA ARG B 73 34.19 0.51 17.22
C ARG B 73 35.01 -0.77 17.07
N LEU B 74 35.38 -1.09 15.83
CA LEU B 74 36.43 -2.09 15.63
C LEU B 74 37.76 -1.53 16.14
N VAL B 75 38.57 -2.44 16.69
CA VAL B 75 39.96 -2.16 17.05
C VAL B 75 40.81 -3.16 16.28
N LYS B 76 41.85 -2.67 15.61
CA LYS B 76 42.77 -3.51 14.84
C LYS B 76 44.08 -3.60 15.59
N LEU B 77 44.50 -4.81 15.92
CA LEU B 77 45.81 -5.05 16.56
C LEU B 77 46.77 -5.54 15.50
N LYS B 78 48.02 -5.06 15.58
CA LYS B 78 49.09 -5.62 14.76
C LYS B 78 49.86 -6.61 15.63
N ASN B 79 49.84 -7.87 15.24
CA ASN B 79 50.46 -8.93 16.01
C ASN B 79 51.91 -9.11 15.64
N ASP B 80 52.71 -9.66 16.56
CA ASP B 80 54.15 -9.73 16.28
C ASP B 80 54.53 -10.65 15.12
N ASP B 81 53.62 -11.52 14.65
CA ASP B 81 53.87 -12.44 13.54
C ASP B 81 53.46 -11.86 12.17
N ASP B 82 53.32 -10.54 12.05
CA ASP B 82 53.04 -9.88 10.77
C ASP B 82 51.60 -10.08 10.29
N THR B 83 50.70 -10.50 11.17
CA THR B 83 49.26 -10.54 10.89
C THR B 83 48.57 -9.42 11.65
N VAL B 84 47.25 -9.33 11.52
CA VAL B 84 46.45 -8.42 12.32
C VAL B 84 45.34 -9.22 13.01
N SER B 85 44.70 -8.59 13.99
CA SER B 85 43.55 -9.14 14.72
C SER B 85 42.54 -8.01 14.84
N PHE B 86 41.27 -8.37 14.97
CA PHE B 86 40.22 -7.38 15.14
C PHE B 86 39.35 -7.79 16.31
N PHE B 87 38.87 -6.80 17.06
CA PHE B 87 37.76 -7.10 17.96
C PHE B 87 36.84 -5.88 17.99
N ILE B 88 35.64 -6.03 18.52
CA ILE B 88 34.76 -4.86 18.70
C ILE B 88 34.94 -4.38 20.14
N SER B 89 35.31 -3.11 20.28
CA SER B 89 35.49 -2.44 21.56
C SER B 89 34.18 -1.69 21.81
N CYS B 90 33.51 -2.00 22.93
CA CYS B 90 32.19 -1.44 23.20
C CYS B 90 32.41 -0.13 23.93
N ASP B 91 32.99 0.82 23.20
CA ASP B 91 33.47 2.03 23.87
C ASP B 91 32.47 3.17 23.85
N GLY B 92 31.26 2.94 23.32
CA GLY B 92 30.25 4.00 23.31
C GLY B 92 30.57 5.18 22.42
N SER B 93 31.51 5.00 21.47
CA SER B 93 31.89 6.05 20.51
C SER B 93 30.69 6.64 19.79
N GLY B 94 29.71 5.82 19.47
CA GLY B 94 28.40 6.31 19.04
C GLY B 94 28.13 6.07 17.56
N VAL B 95 26.88 6.37 17.21
CA VAL B 95 26.30 6.01 15.92
C VAL B 95 26.21 7.28 15.09
N GLU B 96 26.65 7.21 13.83
CA GLU B 96 26.51 8.35 12.94
C GLU B 96 25.06 8.52 12.53
N PHE B 97 24.52 9.71 12.71
CA PHE B 97 23.09 9.92 12.50
C PHE B 97 22.96 11.16 11.63
N VAL B 98 22.42 11.00 10.41
CA VAL B 98 22.34 12.10 9.46
C VAL B 98 20.87 12.43 9.19
N HIS B 99 20.55 13.72 9.27
CA HIS B 99 19.24 14.26 8.91
C HIS B 99 19.36 14.98 7.58
N ALA B 100 18.59 14.53 6.58
CA ALA B 100 18.69 15.12 5.25
C ALA B 100 17.30 15.39 4.71
N VAL B 101 17.23 16.16 3.63
CA VAL B 101 15.97 16.52 2.98
C VAL B 101 16.09 16.30 1.47
N ALA B 102 15.09 15.63 0.89
CA ALA B 102 15.00 15.39 -0.55
C ALA B 102 13.67 15.97 -1.00
N LYS B 103 13.65 17.29 -1.23
CA LYS B 103 12.34 17.93 -1.24
C LYS B 103 11.53 17.58 -2.46
N ASN B 104 12.18 17.10 -3.53
CA ASN B 104 11.48 16.77 -4.78
C ASN B 104 11.13 15.30 -4.89
N ILE B 105 11.55 14.49 -3.94
CA ILE B 105 11.27 13.06 -3.99
C ILE B 105 10.01 12.79 -3.19
N GLU B 106 9.09 11.98 -3.74
CA GLU B 106 7.82 11.71 -3.06
C GLU B 106 7.64 10.22 -2.79
N LEU B 107 6.62 9.90 -1.97
CA LEU B 107 6.33 8.50 -1.67
C LEU B 107 6.24 7.65 -2.94
N SER B 108 5.53 8.12 -3.97
CA SER B 108 5.40 7.34 -5.22
C SER B 108 6.77 6.88 -5.71
N ASP B 109 7.80 7.75 -5.61
CA ASP B 109 9.11 7.39 -6.16
C ASP B 109 9.74 6.20 -5.45
N VAL B 110 9.68 6.18 -4.12
CA VAL B 110 10.28 5.08 -3.37
C VAL B 110 9.43 3.83 -3.49
N LEU B 111 8.09 3.98 -3.45
CA LEU B 111 7.22 2.80 -3.54
C LEU B 111 7.43 2.08 -4.85
N GLU B 112 7.64 2.85 -5.91
CA GLU B 112 7.59 2.34 -7.28
C GLU B 112 8.96 2.28 -7.94
N LEU B 113 10.04 2.36 -7.19
CA LEU B 113 11.35 2.33 -7.81
C LEU B 113 11.41 1.20 -8.84
N SER B 114 11.99 1.49 -9.99
CA SER B 114 11.88 0.56 -11.13
C SER B 114 12.78 1.05 -12.27
N GLY B 115 13.89 0.37 -12.50
CA GLY B 115 14.78 0.85 -13.52
C GLY B 115 16.19 0.91 -12.98
N SER B 116 17.00 1.78 -13.59
CA SER B 116 18.44 1.70 -13.41
C SER B 116 18.86 2.10 -12.01
N VAL B 117 19.80 1.33 -11.49
CA VAL B 117 20.40 1.60 -10.19
C VAL B 117 21.90 1.64 -10.46
N PRO B 118 22.65 2.48 -9.77
CA PRO B 118 22.15 3.43 -8.76
C PRO B 118 21.36 4.59 -9.39
N GLY B 119 20.33 5.06 -8.69
CA GLY B 119 19.55 6.23 -9.06
C GLY B 119 19.44 7.13 -7.85
N PHE B 120 18.42 7.99 -7.78
CA PHE B 120 18.36 8.93 -6.65
C PHE B 120 18.32 8.21 -5.32
N PHE B 121 17.64 7.06 -5.28
CA PHE B 121 17.37 6.43 -4.01
C PHE B 121 18.65 6.04 -3.32
N ALA B 122 19.71 5.77 -4.07
CA ALA B 122 20.95 5.36 -3.43
C ALA B 122 21.38 6.37 -2.38
N SER B 123 21.13 7.65 -2.63
CA SER B 123 21.61 8.68 -1.70
C SER B 123 20.83 8.72 -0.39
N PHE B 124 19.72 7.97 -0.28
CA PHE B 124 19.03 7.86 1.01
C PHE B 124 19.76 6.97 2.01
N PHE B 125 20.87 6.32 1.61
CA PHE B 125 21.49 5.36 2.49
C PHE B 125 22.87 5.85 2.87
N PRO B 126 23.27 5.65 4.11
CA PRO B 126 24.46 6.36 4.62
C PRO B 126 25.82 5.71 4.42
N ALA B 127 25.89 4.43 4.01
CA ALA B 127 27.13 3.66 4.11
C ALA B 127 27.58 3.12 2.75
N THR B 128 27.18 3.78 1.67
CA THR B 128 27.59 3.30 0.36
C THR B 128 29.10 3.46 0.20
N GLY B 129 29.76 2.39 -0.25
CA GLY B 129 31.20 2.46 -0.35
C GLY B 129 31.96 2.27 0.95
N ILE B 130 31.28 2.13 2.08
CA ILE B 130 31.95 1.81 3.32
C ILE B 130 32.07 0.29 3.46
N LYS B 131 33.30 -0.19 3.71
CA LYS B 131 33.59 -1.60 3.90
C LYS B 131 33.62 -1.95 5.39
N ASN B 132 33.45 -3.24 5.71
CA ASN B 132 33.37 -3.61 7.12
C ASN B 132 34.65 -3.24 7.89
N TYR B 133 35.83 -3.29 7.23
CA TYR B 133 37.05 -2.92 7.98
C TYR B 133 37.13 -1.44 8.27
N HIS B 134 36.27 -0.62 7.66
CA HIS B 134 36.26 0.80 7.99
C HIS B 134 35.65 1.04 9.38
N GLY B 135 35.16 -0.01 10.02
CA GLY B 135 34.57 0.21 11.33
C GLY B 135 35.57 0.58 12.42
N VAL B 136 36.86 0.65 12.12
CA VAL B 136 37.80 1.18 13.12
C VAL B 136 37.53 2.66 13.37
N SER B 137 37.12 3.38 12.32
CA SER B 137 36.94 4.83 12.37
C SER B 137 35.51 5.28 12.06
N ARG B 138 34.70 4.43 11.45
CA ARG B 138 33.30 4.75 11.13
C ARG B 138 32.41 3.92 12.05
N SER B 139 31.24 4.45 12.37
CA SER B 139 30.38 3.70 13.28
C SER B 139 29.92 2.39 12.65
N LEU B 140 29.63 1.44 13.53
CA LEU B 140 29.18 0.09 13.12
C LEU B 140 27.72 0.03 12.69
N LEU B 141 26.93 1.03 13.07
CA LEU B 141 25.59 1.30 12.54
C LEU B 141 25.58 2.75 12.12
N MET B 142 24.98 3.03 10.98
CA MET B 142 24.85 4.40 10.49
C MET B 142 23.39 4.61 10.14
N VAL B 143 22.83 5.75 10.50
CA VAL B 143 21.41 6.04 10.28
C VAL B 143 21.29 7.33 9.48
N GLN B 144 20.40 7.33 8.48
CA GLN B 144 20.08 8.55 7.75
C GLN B 144 18.58 8.68 7.69
N VAL B 145 18.05 9.79 8.17
CA VAL B 145 16.62 10.05 8.11
C VAL B 145 16.45 11.13 7.02
N THR B 146 15.75 10.79 5.97
CA THR B 146 15.60 11.69 4.82
C THR B 146 14.12 12.10 4.75
N GLU B 147 13.88 13.38 4.96
CA GLU B 147 12.56 13.96 4.80
C GLU B 147 12.27 14.13 3.32
N MET B 148 11.13 13.60 2.88
CA MET B 148 10.70 13.71 1.50
C MET B 148 9.61 14.75 1.37
N LYS B 149 9.12 14.89 0.13
CA LYS B 149 8.07 15.87 -0.11
C LYS B 149 6.87 15.58 0.77
N ASP B 150 6.53 14.31 0.94
CA ASP B 150 5.28 13.92 1.59
C ASP B 150 5.49 12.67 2.46
N GLY B 151 6.68 12.49 3.02
CA GLY B 151 6.94 11.31 3.83
C GLY B 151 8.34 11.41 4.39
N VAL B 152 8.77 10.34 5.05
CA VAL B 152 10.12 10.26 5.65
C VAL B 152 10.66 8.85 5.44
N PHE B 153 11.93 8.76 5.08
CA PHE B 153 12.58 7.45 5.00
C PHE B 153 13.64 7.32 6.08
N ILE B 154 13.66 6.19 6.80
CA ILE B 154 14.74 5.90 7.75
C ILE B 154 15.62 4.83 7.08
N GLY B 155 16.83 5.21 6.70
CA GLY B 155 17.76 4.29 6.04
C GLY B 155 18.86 3.97 7.03
N PHE B 156 19.37 2.76 6.98
CA PHE B 156 20.50 2.48 7.88
C PHE B 156 21.47 1.55 7.17
N GLY B 157 22.75 1.64 7.56
CA GLY B 157 23.74 0.66 7.11
C GLY B 157 24.38 0.08 8.33
N TYR B 158 24.74 -1.21 8.25
CA TYR B 158 25.39 -1.82 9.39
C TYR B 158 26.56 -2.69 8.96
N ASN B 159 27.53 -2.79 9.88
CA ASN B 159 28.75 -3.57 9.72
C ASN B 159 28.45 -5.04 10.01
N SER B 160 28.64 -5.94 9.02
CA SER B 160 28.25 -7.34 9.26
C SER B 160 29.08 -8.02 10.34
N THR B 161 30.20 -7.43 10.79
CA THR B 161 30.96 -8.03 11.88
C THR B 161 30.29 -7.85 13.25
N VAL B 162 29.35 -6.92 13.39
CA VAL B 162 28.69 -6.73 14.69
C VAL B 162 27.30 -7.36 14.77
N ALA B 163 26.66 -7.64 13.64
CA ALA B 163 25.27 -8.08 13.75
C ALA B 163 24.91 -8.78 12.45
N ASP B 164 24.05 -9.79 12.55
CA ASP B 164 23.36 -10.26 11.35
C ASP B 164 22.01 -9.54 11.22
N ALA B 165 21.30 -9.84 10.14
CA ALA B 165 20.03 -9.16 9.90
C ALA B 165 19.03 -9.46 11.02
N THR B 166 19.04 -10.69 11.54
CA THR B 166 18.15 -11.03 12.67
C THR B 166 18.36 -10.03 13.81
N SER B 167 19.61 -9.80 14.16
CA SER B 167 19.89 -8.91 15.28
C SER B 167 19.60 -7.45 14.93
N ILE B 168 19.96 -7.00 13.72
CA ILE B 168 19.71 -5.60 13.40
C ILE B 168 18.20 -5.32 13.40
N TRP B 169 17.38 -6.25 12.90
CA TRP B 169 15.95 -5.97 12.93
C TRP B 169 15.40 -6.02 14.36
N LYS B 170 16.00 -6.81 15.23
CA LYS B 170 15.54 -6.78 16.64
C LYS B 170 15.87 -5.42 17.25
N PHE B 171 17.02 -4.90 16.87
CA PHE B 171 17.36 -3.55 17.31
C PHE B 171 16.37 -2.53 16.79
N ILE B 172 16.03 -2.60 15.50
CA ILE B 172 15.03 -1.66 14.98
C ILE B 172 13.70 -1.82 15.74
N ASN B 173 13.30 -3.06 16.01
CA ASN B 173 12.06 -3.29 16.75
C ASN B 173 12.13 -2.62 18.12
N ALA B 174 13.25 -2.83 18.83
CA ALA B 174 13.40 -2.24 20.17
C ALA B 174 13.39 -0.71 20.10
N TRP B 175 14.13 -0.15 19.14
CA TRP B 175 14.19 1.30 18.99
C TRP B 175 12.79 1.88 18.75
N SER B 176 12.02 1.32 17.80
CA SER B 176 10.69 1.87 17.55
C SER B 176 9.79 1.67 18.75
N GLU B 177 9.93 0.57 19.49
CA GLU B 177 9.12 0.41 20.70
C GLU B 177 9.46 1.50 21.71
N ILE B 178 10.75 1.80 21.89
CA ILE B 178 11.15 2.85 22.84
C ILE B 178 10.58 4.21 22.42
N CYS B 179 10.71 4.50 21.13
CA CYS B 179 10.28 5.77 20.57
C CYS B 179 8.75 5.92 20.65
N SER B 180 8.02 4.80 20.51
CA SER B 180 6.55 4.84 20.61
C SER B 180 6.05 5.20 21.99
N LYS B 181 6.85 4.95 23.03
CA LYS B 181 6.38 5.17 24.41
C LYS B 181 6.58 6.63 24.83
N PHE B 189 11.56 -3.75 28.63
CA PHE B 189 12.25 -4.94 28.27
C PHE B 189 12.40 -5.89 29.44
N GLN B 190 11.73 -7.02 29.40
CA GLN B 190 11.76 -7.92 30.53
C GLN B 190 13.07 -8.63 30.72
N ARG B 191 13.84 -8.78 29.66
CA ARG B 191 15.13 -9.44 29.73
C ARG B 191 16.24 -8.51 29.22
N ARG B 192 17.44 -8.68 29.75
CA ARG B 192 18.60 -7.91 29.35
C ARG B 192 19.14 -8.46 28.03
N LEU B 193 19.91 -7.70 27.29
CA LEU B 193 20.46 -8.18 26.03
C LEU B 193 21.52 -9.24 26.34
N HIS B 194 21.39 -10.40 25.72
CA HIS B 194 22.40 -11.45 25.83
C HIS B 194 23.20 -11.52 24.53
N LEU B 195 24.53 -11.51 24.63
CA LEU B 195 25.36 -11.61 23.43
C LEU B 195 25.55 -13.07 23.05
N LYS B 196 25.78 -13.31 21.76
CA LYS B 196 25.96 -14.66 21.25
C LYS B 196 27.18 -15.34 21.87
N GLY B 197 28.22 -14.56 22.26
CA GLY B 197 29.41 -15.14 22.89
C GLY B 197 30.30 -15.92 21.92
N TRP B 198 31.33 -16.56 22.46
CA TRP B 198 32.26 -17.28 21.61
C TRP B 198 31.85 -18.74 21.60
N PHE B 199 31.37 -19.23 20.45
CA PHE B 199 30.81 -20.57 20.40
C PHE B 199 31.69 -21.56 19.64
N PHE B 200 32.91 -21.17 19.31
CA PHE B 200 33.87 -22.04 18.63
C PHE B 200 34.91 -22.45 19.67
N ASP B 201 34.59 -23.51 20.42
CA ASP B 201 35.44 -23.86 21.55
C ASP B 201 36.79 -24.40 21.14
N GLU B 202 36.94 -24.76 19.87
CA GLU B 202 38.20 -25.30 19.36
C GLU B 202 39.04 -24.26 18.62
N ILE B 203 38.64 -22.99 18.72
CA ILE B 203 39.36 -21.92 18.06
C ILE B 203 39.74 -20.89 19.11
N ASP B 204 41.01 -20.54 19.14
CA ASP B 204 41.54 -19.49 19.99
C ASP B 204 41.28 -18.12 19.38
N TYR B 205 41.26 -17.11 20.22
CA TYR B 205 41.06 -15.73 19.80
C TYR B 205 42.02 -14.84 20.58
N PRO B 206 42.37 -13.66 20.04
CA PRO B 206 41.96 -13.22 18.72
C PRO B 206 42.62 -14.04 17.60
N ILE B 207 41.88 -14.20 16.53
CA ILE B 207 42.35 -14.94 15.37
C ILE B 207 43.29 -14.04 14.59
N HIS B 208 44.43 -14.60 14.16
CA HIS B 208 45.40 -13.86 13.36
C HIS B 208 45.08 -13.98 11.88
N ILE B 209 44.93 -12.85 11.20
CA ILE B 209 44.62 -12.81 9.77
C ILE B 209 45.51 -11.79 9.07
N PRO B 210 45.66 -11.92 7.76
CA PRO B 210 46.32 -10.85 6.98
C PRO B 210 45.44 -9.60 6.92
N ASP B 211 46.10 -8.45 6.77
CA ASP B 211 45.37 -7.19 6.75
C ASP B 211 44.38 -7.18 5.57
N PRO B 212 43.08 -7.04 5.82
CA PRO B 212 42.12 -7.11 4.71
C PRO B 212 42.24 -5.96 3.72
N GLU B 213 43.00 -4.93 4.08
CA GLU B 213 43.20 -3.78 3.19
C GLU B 213 44.68 -3.51 2.96
N THR B 224 27.68 -1.43 -13.85
CA THR B 224 27.26 -2.62 -14.52
C THR B 224 25.87 -2.66 -15.17
N ASN B 225 25.26 -1.51 -15.41
CA ASN B 225 23.95 -1.39 -16.04
C ASN B 225 22.73 -2.07 -15.34
N LEU B 226 22.79 -2.32 -14.06
CA LEU B 226 21.71 -2.98 -13.31
C LEU B 226 20.40 -2.21 -13.18
N GLN B 227 19.27 -2.93 -12.99
CA GLN B 227 17.93 -2.40 -12.77
C GLN B 227 17.36 -3.03 -11.50
N GLU B 228 16.42 -2.35 -10.81
CA GLU B 228 15.69 -2.99 -9.71
C GLU B 228 14.20 -3.00 -10.01
N LYS B 229 13.53 -4.12 -9.68
CA LYS B 229 12.10 -4.24 -9.80
C LYS B 229 11.55 -4.73 -8.47
N MET B 230 10.31 -4.33 -8.18
CA MET B 230 9.60 -4.90 -7.05
C MET B 230 8.72 -6.02 -7.55
N PHE B 231 8.76 -7.16 -6.86
CA PHE B 231 7.86 -8.30 -7.15
C PHE B 231 6.89 -8.40 -5.98
N HIS B 232 5.61 -8.52 -6.24
CA HIS B 232 4.71 -8.86 -5.15
C HIS B 232 4.08 -10.19 -5.47
N VAL B 233 3.99 -11.07 -4.47
CA VAL B 233 3.29 -12.35 -4.62
C VAL B 233 2.15 -12.36 -3.62
N THR B 234 0.92 -12.45 -4.14
CA THR B 234 -0.27 -12.46 -3.29
C THR B 234 -0.36 -13.72 -2.46
N LYS B 235 -1.11 -13.62 -1.36
CA LYS B 235 -1.40 -14.79 -0.55
C LYS B 235 -1.93 -15.93 -1.41
N GLU B 236 -2.86 -15.63 -2.33
CA GLU B 236 -3.42 -16.67 -3.21
C GLU B 236 -2.32 -17.35 -4.02
N ASN B 237 -1.40 -16.57 -4.59
CA ASN B 237 -0.37 -17.17 -5.44
C ASN B 237 0.75 -17.81 -4.63
N VAL B 238 1.07 -17.29 -3.44
CA VAL B 238 1.98 -18.03 -2.57
C VAL B 238 1.42 -19.43 -2.32
N LEU B 239 0.14 -19.50 -1.93
CA LEU B 239 -0.48 -20.80 -1.64
C LEU B 239 -0.49 -21.71 -2.86
N LYS B 240 -0.71 -21.13 -4.05
CA LYS B 240 -0.72 -21.94 -5.28
C LYS B 240 0.65 -22.56 -5.55
N LEU B 241 1.72 -21.77 -5.36
CA LEU B 241 3.08 -22.29 -5.58
C LEU B 241 3.45 -23.32 -4.50
N ASP B 242 3.06 -23.05 -3.25
CA ASP B 242 3.27 -24.02 -2.18
C ASP B 242 2.62 -25.34 -2.51
N ALA B 243 1.35 -25.29 -2.93
CA ALA B 243 0.66 -26.53 -3.25
C ALA B 243 1.33 -27.23 -4.42
N LYS B 244 1.75 -26.47 -5.43
CA LYS B 244 2.36 -27.11 -6.60
C LYS B 244 3.68 -27.80 -6.22
N ALA B 245 4.51 -27.07 -5.49
CA ALA B 245 5.80 -27.59 -5.09
C ALA B 245 5.63 -28.86 -4.25
N ASN B 246 4.69 -28.83 -3.31
CA ASN B 246 4.49 -29.99 -2.46
C ASN B 246 3.90 -31.17 -3.23
N ASP B 247 3.05 -30.92 -4.22
CA ASP B 247 2.52 -32.02 -5.03
C ASP B 247 3.66 -32.74 -5.74
N GLU B 248 4.63 -31.97 -6.22
CA GLU B 248 5.74 -32.49 -7.01
C GLU B 248 6.85 -33.08 -6.16
N ALA B 249 7.03 -32.60 -4.95
CA ALA B 249 8.18 -32.94 -4.11
C ALA B 249 7.87 -34.12 -3.19
N ASP B 250 8.93 -34.80 -2.77
CA ASP B 250 8.84 -35.96 -1.89
C ASP B 250 9.10 -35.64 -0.41
N GLN B 251 9.50 -34.43 -0.09
CA GLN B 251 9.60 -33.96 1.28
C GLN B 251 8.70 -32.74 1.41
N LYS B 252 8.39 -32.37 2.65
CA LYS B 252 7.55 -31.20 2.84
C LYS B 252 8.33 -29.95 2.51
N ILE B 253 7.68 -29.03 1.78
CA ILE B 253 8.27 -27.79 1.26
C ILE B 253 7.53 -26.60 1.86
N SER B 254 8.28 -25.62 2.41
CA SER B 254 7.59 -24.46 2.97
C SER B 254 7.15 -23.49 1.85
N SER B 255 6.23 -22.59 2.20
CA SER B 255 5.77 -21.58 1.23
C SER B 255 6.93 -20.78 0.64
N ILE B 256 7.82 -20.28 1.50
CA ILE B 256 8.94 -19.48 0.99
C ILE B 256 9.89 -20.33 0.14
N GLN B 257 10.14 -21.60 0.51
CA GLN B 257 10.96 -22.44 -0.38
C GLN B 257 10.31 -22.55 -1.76
N ALA B 258 8.98 -22.73 -1.79
CA ALA B 258 8.30 -22.89 -3.07
C ALA B 258 8.40 -21.61 -3.90
N VAL B 259 8.23 -20.46 -3.26
CA VAL B 259 8.25 -19.23 -4.03
C VAL B 259 9.66 -18.89 -4.49
N LEU B 260 10.65 -19.06 -3.62
CA LEU B 260 12.03 -18.85 -4.02
C LEU B 260 12.42 -19.81 -5.16
N ALA B 261 12.00 -21.08 -5.08
CA ALA B 261 12.32 -22.01 -6.16
C ALA B 261 11.70 -21.54 -7.47
N TYR B 262 10.47 -21.07 -7.42
CA TYR B 262 9.79 -20.60 -8.64
C TYR B 262 10.54 -19.43 -9.26
N ILE B 263 10.90 -18.45 -8.42
CA ILE B 263 11.70 -17.32 -8.92
C ILE B 263 13.05 -17.80 -9.46
N TRP B 264 13.73 -18.70 -8.75
CA TRP B 264 15.01 -19.24 -9.21
C TRP B 264 14.91 -19.88 -10.59
N ARG B 265 13.93 -20.78 -10.77
CA ARG B 265 13.76 -21.39 -12.08
C ARG B 265 13.50 -20.34 -13.16
N SER B 266 12.68 -19.32 -12.83
CA SER B 266 12.31 -18.31 -13.84
C SER B 266 13.51 -17.45 -14.19
N MET B 267 14.32 -17.12 -13.18
CA MET B 267 15.49 -16.31 -13.47
C MET B 267 16.46 -17.09 -14.35
N VAL B 268 16.67 -18.36 -14.03
CA VAL B 268 17.64 -19.15 -14.81
C VAL B 268 17.10 -19.38 -16.23
N LYS B 269 15.78 -19.58 -16.35
CA LYS B 269 15.17 -19.71 -17.68
C LYS B 269 15.53 -18.55 -18.59
N HIS B 270 15.58 -17.33 -18.03
CA HIS B 270 15.78 -16.11 -18.81
C HIS B 270 17.21 -15.57 -18.72
N SER B 271 18.13 -16.31 -18.07
CA SER B 271 19.52 -15.87 -17.82
C SER B 271 20.38 -15.81 -19.06
N GLY B 272 20.07 -16.62 -20.05
CA GLY B 272 20.95 -16.85 -21.20
C GLY B 272 22.01 -17.90 -20.98
N MET B 273 22.04 -18.54 -19.81
CA MET B 273 23.04 -19.56 -19.55
C MET B 273 22.74 -20.87 -20.29
N SER B 274 23.80 -21.55 -20.73
CA SER B 274 23.71 -22.87 -21.35
C SER B 274 23.58 -23.99 -20.30
N ARG B 275 23.08 -25.16 -20.78
CA ARG B 275 22.68 -26.24 -19.86
C ARG B 275 23.80 -26.69 -18.91
N GLU B 276 25.05 -26.66 -19.36
CA GLU B 276 26.13 -27.24 -18.57
C GLU B 276 26.64 -26.31 -17.49
N GLU B 277 26.23 -25.04 -17.50
CA GLU B 277 26.74 -24.14 -16.47
C GLU B 277 26.18 -24.49 -15.11
N GLU B 278 26.98 -24.25 -14.07
CA GLU B 278 26.53 -24.42 -12.71
C GLU B 278 25.93 -23.09 -12.26
N THR B 279 24.79 -23.16 -11.66
CA THR B 279 24.17 -21.98 -11.09
C THR B 279 23.78 -22.26 -9.65
N HIS B 280 23.70 -21.20 -8.85
CA HIS B 280 23.52 -21.39 -7.42
C HIS B 280 22.38 -20.55 -6.89
N CYS B 281 21.76 -21.03 -5.81
CA CYS B 281 20.86 -20.20 -5.02
C CYS B 281 21.54 -20.01 -3.66
N ARG B 282 21.81 -18.77 -3.28
CA ARG B 282 22.46 -18.48 -2.02
C ARG B 282 21.40 -17.98 -1.01
N LEU B 283 21.41 -18.52 0.20
CA LEU B 283 20.33 -18.22 1.18
C LEU B 283 20.92 -17.97 2.56
N PRO B 284 20.49 -16.92 3.24
CA PRO B 284 20.95 -16.70 4.61
C PRO B 284 20.37 -17.79 5.53
N ILE B 285 21.22 -18.26 6.43
CA ILE B 285 20.89 -19.33 7.37
C ILE B 285 21.15 -18.77 8.77
N ASN B 286 20.10 -18.64 9.56
CA ASN B 286 20.26 -18.30 10.99
C ASN B 286 20.73 -19.56 11.69
N MET B 287 21.94 -19.52 12.26
CA MET B 287 22.54 -20.73 12.82
C MET B 287 22.27 -20.90 14.33
N ARG B 288 21.52 -20.00 14.97
CA ARG B 288 21.40 -20.07 16.42
C ARG B 288 20.89 -21.43 16.88
N GLN B 289 19.84 -21.96 16.23
CA GLN B 289 19.30 -23.23 16.70
C GLN B 289 20.00 -24.43 16.07
N ARG B 290 20.89 -24.23 15.12
CA ARG B 290 21.63 -25.31 14.50
C ARG B 290 22.92 -25.63 15.21
N LEU B 291 23.50 -24.64 15.92
CA LEU B 291 24.67 -24.90 16.74
C LEU B 291 24.33 -25.83 17.90
N ASN B 292 25.37 -26.48 18.42
CA ASN B 292 25.24 -27.39 19.55
C ASN B 292 26.27 -26.97 20.59
N PRO B 293 25.86 -26.44 21.74
CA PRO B 293 24.46 -26.22 22.18
C PRO B 293 23.80 -25.11 21.39
N PRO B 294 22.47 -25.13 21.29
CA PRO B 294 21.79 -24.03 20.56
C PRO B 294 21.88 -22.74 21.35
N LEU B 295 21.93 -21.65 20.61
CA LEU B 295 21.94 -20.32 21.23
C LEU B 295 20.53 -19.77 21.33
N GLU B 296 20.33 -18.86 22.30
CA GLU B 296 19.02 -18.25 22.50
C GLU B 296 18.55 -17.52 21.25
N GLU B 297 17.24 -17.62 20.96
CA GLU B 297 16.69 -16.94 19.77
C GLU B 297 17.04 -15.45 19.73
N GLU B 298 17.09 -14.81 20.88
CA GLU B 298 17.35 -13.36 20.92
C GLU B 298 18.81 -13.01 21.16
N CYS B 299 19.74 -13.97 21.14
CA CYS B 299 21.12 -13.58 21.41
C CYS B 299 21.64 -12.68 20.29
N PHE B 300 22.43 -11.68 20.68
CA PHE B 300 22.79 -10.60 19.78
C PHE B 300 24.15 -10.84 19.12
N GLY B 301 24.22 -10.58 17.80
CA GLY B 301 25.49 -10.69 17.09
C GLY B 301 25.26 -11.31 15.76
N ASN B 302 26.34 -11.60 15.01
CA ASN B 302 26.16 -12.27 13.72
C ASN B 302 26.25 -13.77 13.95
N VAL B 303 25.13 -14.47 13.83
CA VAL B 303 25.14 -15.94 13.97
C VAL B 303 24.50 -16.52 12.71
N SER B 304 24.83 -15.96 11.54
CA SER B 304 24.27 -16.43 10.26
C SER B 304 25.37 -16.73 9.26
N GLN B 305 25.07 -17.66 8.35
CA GLN B 305 26.00 -18.11 7.31
C GLN B 305 25.22 -18.17 6.00
N THR B 306 25.93 -18.15 4.89
CA THR B 306 25.26 -18.28 3.59
C THR B 306 25.30 -19.74 3.19
N GLY B 307 24.11 -20.33 2.95
CA GLY B 307 24.03 -21.67 2.36
C GLY B 307 23.93 -21.58 0.84
N ILE B 308 24.52 -22.55 0.14
CA ILE B 308 24.62 -22.48 -1.31
C ILE B 308 24.09 -23.79 -1.87
N ALA B 309 23.04 -23.69 -2.68
CA ALA B 309 22.51 -24.82 -3.43
C ALA B 309 23.05 -24.72 -4.85
N THR B 310 23.67 -25.79 -5.33
CA THR B 310 24.34 -25.84 -6.61
C THR B 310 23.59 -26.83 -7.49
N VAL B 311 23.29 -26.41 -8.73
CA VAL B 311 22.74 -27.31 -9.75
C VAL B 311 23.30 -26.90 -11.09
N THR B 312 23.15 -27.75 -12.11
CA THR B 312 23.40 -27.27 -13.46
C THR B 312 22.12 -26.65 -14.02
N VAL B 313 22.31 -25.71 -14.95
CA VAL B 313 21.18 -25.05 -15.60
C VAL B 313 20.24 -26.08 -16.23
N GLY B 314 20.81 -27.06 -16.89
CA GLY B 314 19.98 -28.02 -17.60
C GLY B 314 19.08 -28.78 -16.66
N GLU B 315 19.63 -29.21 -15.52
CA GLU B 315 18.83 -29.91 -14.51
C GLU B 315 17.73 -29.00 -13.97
N LEU B 316 18.07 -27.77 -13.57
CA LEU B 316 17.05 -26.89 -13.03
C LEU B 316 15.93 -26.64 -14.05
N LEU B 317 16.28 -26.52 -15.34
CA LEU B 317 15.24 -26.26 -16.34
C LEU B 317 14.43 -27.50 -16.65
N ASP B 318 15.07 -28.69 -16.64
CA ASP B 318 14.40 -29.95 -16.99
C ASP B 318 13.44 -30.42 -15.91
N HIS B 319 13.83 -30.29 -14.65
CA HIS B 319 13.00 -30.75 -13.58
C HIS B 319 12.03 -29.63 -13.21
N GLY B 320 11.05 -29.97 -12.39
CA GLY B 320 9.99 -29.05 -12.07
C GLY B 320 10.23 -28.21 -10.82
N LEU B 321 9.17 -27.53 -10.40
CA LEU B 321 9.26 -26.65 -9.24
C LEU B 321 9.61 -27.41 -7.97
N GLY B 322 8.94 -28.55 -7.74
CA GLY B 322 9.21 -29.29 -6.52
C GLY B 322 10.67 -29.73 -6.40
N TRP B 323 11.29 -30.13 -7.52
CA TRP B 323 12.71 -30.51 -7.48
C TRP B 323 13.62 -29.33 -7.09
N ALA B 324 13.36 -28.15 -7.68
CA ALA B 324 14.16 -26.98 -7.29
C ALA B 324 13.97 -26.69 -5.81
N ALA B 325 12.72 -26.80 -5.32
CA ALA B 325 12.44 -26.51 -3.93
C ALA B 325 13.14 -27.51 -3.02
N MET B 326 13.18 -28.79 -3.45
CA MET B 326 13.92 -29.79 -2.70
C MET B 326 15.41 -29.45 -2.66
N GLN B 327 15.96 -28.89 -3.75
CA GLN B 327 17.38 -28.53 -3.72
C GLN B 327 17.64 -27.48 -2.64
N ILE B 328 16.73 -26.50 -2.54
CA ILE B 328 16.87 -25.48 -1.47
C ILE B 328 16.75 -26.14 -0.09
N ASN B 329 15.71 -26.96 0.09
CA ASN B 329 15.49 -27.56 1.40
C ASN B 329 16.66 -28.48 1.78
N ASN B 330 17.13 -29.28 0.82
CA ASN B 330 18.27 -30.14 1.10
C ASN B 330 19.50 -29.34 1.51
N MET B 331 19.76 -28.20 0.83
CA MET B 331 20.87 -27.37 1.26
C MET B 331 20.67 -26.89 2.69
N GLU B 332 19.44 -26.49 3.06
CA GLU B 332 19.23 -25.99 4.41
C GLU B 332 19.44 -27.08 5.45
N LEU B 333 18.95 -28.28 5.17
CA LEU B 333 19.12 -29.40 6.09
C LEU B 333 20.58 -29.72 6.33
N SER B 334 21.46 -29.41 5.37
CA SER B 334 22.86 -29.75 5.47
C SER B 334 23.67 -28.75 6.29
N GLN B 335 23.10 -27.60 6.70
CA GLN B 335 23.81 -26.56 7.45
C GLN B 335 23.90 -26.95 8.93
N THR B 336 24.78 -27.91 9.21
CA THR B 336 24.88 -28.50 10.53
C THR B 336 25.96 -27.86 11.38
N ASP B 337 25.86 -28.15 12.67
CA ASP B 337 26.86 -27.71 13.65
C ASP B 337 28.23 -28.28 13.31
N GLU B 338 28.29 -29.60 13.05
CA GLU B 338 29.57 -30.25 12.79
C GLU B 338 30.27 -29.65 11.57
N LYS B 339 29.52 -29.45 10.47
CA LYS B 339 30.10 -28.83 9.29
C LYS B 339 30.61 -27.42 9.61
N ALA B 340 29.80 -26.62 10.29
CA ALA B 340 30.20 -25.26 10.58
C ALA B 340 31.50 -25.26 11.37
N LYS B 341 31.59 -26.13 12.37
CA LYS B 341 32.77 -26.21 13.21
C LYS B 341 34.01 -26.56 12.42
N ALA B 342 33.94 -27.69 11.71
CA ALA B 342 35.07 -28.15 10.90
C ALA B 342 35.51 -27.07 9.91
N PHE B 343 34.54 -26.45 9.23
CA PHE B 343 34.87 -25.43 8.24
C PHE B 343 35.53 -24.21 8.88
N ALA B 344 35.03 -23.76 10.05
CA ALA B 344 35.64 -22.61 10.73
C ALA B 344 37.06 -22.94 11.18
N GLU B 345 37.24 -24.13 11.75
CA GLU B 345 38.57 -24.45 12.22
C GLU B 345 39.56 -24.51 11.07
N ASN B 346 39.14 -25.04 9.90
CA ASN B 346 40.06 -25.02 8.76
C ASN B 346 40.22 -23.62 8.18
N TRP B 347 39.19 -22.77 8.31
CA TRP B 347 39.30 -21.41 7.82
C TRP B 347 40.46 -20.72 8.50
N VAL B 348 40.64 -20.95 9.80
CA VAL B 348 41.73 -20.28 10.49
C VAL B 348 43.11 -20.71 9.97
N LYS B 349 43.24 -21.87 9.31
CA LYS B 349 44.46 -22.32 8.65
C LYS B 349 44.46 -22.13 7.11
N ASN B 350 43.36 -21.51 6.66
CA ASN B 350 43.11 -21.15 5.27
C ASN B 350 42.10 -19.97 5.23
N ILE B 351 42.56 -18.81 5.72
CA ILE B 351 41.78 -17.61 5.81
C ILE B 351 41.41 -17.21 4.40
N LYS B 352 40.10 -17.03 4.18
CA LYS B 352 39.53 -16.61 2.91
C LYS B 352 38.68 -15.40 3.24
N ILE B 353 39.08 -14.22 2.76
CA ILE B 353 38.38 -12.96 3.00
C ILE B 353 38.17 -12.27 1.65
N PRO B 354 37.13 -12.66 0.89
CA PRO B 354 36.90 -12.18 -0.48
C PRO B 354 36.54 -10.70 -0.56
N SER B 359 27.99 -12.07 -9.83
CA SER B 359 27.79 -13.38 -10.45
C SER B 359 26.40 -13.48 -11.08
N LYS B 360 26.04 -14.68 -11.52
CA LYS B 360 24.74 -14.92 -12.14
C LYS B 360 23.86 -15.81 -11.28
N ASP B 361 24.14 -15.83 -9.98
CA ASP B 361 23.36 -16.64 -9.05
C ASP B 361 22.07 -15.92 -8.61
N LEU B 362 21.19 -16.65 -7.95
CA LEU B 362 20.11 -16.04 -7.16
C LEU B 362 20.68 -15.75 -5.77
N VAL B 363 20.79 -14.49 -5.43
CA VAL B 363 21.38 -14.15 -4.13
C VAL B 363 20.30 -13.67 -3.17
N VAL B 364 19.73 -14.58 -2.43
CA VAL B 364 18.62 -14.25 -1.55
C VAL B 364 19.17 -13.52 -0.33
N THR B 365 18.51 -12.44 0.07
CA THR B 365 18.97 -11.70 1.25
C THR B 365 17.78 -11.17 2.05
N ASN B 366 18.04 -10.68 3.25
CA ASN B 366 16.96 -10.42 4.21
C ASN B 366 16.19 -11.73 4.46
N SER B 367 14.89 -11.64 4.81
CA SER B 367 14.14 -12.86 5.11
C SER B 367 12.65 -12.54 5.24
N HIS B 368 11.83 -13.52 4.94
CA HIS B 368 10.41 -13.42 5.23
C HIS B 368 10.11 -13.49 6.72
N ARG B 369 11.08 -13.91 7.56
CA ARG B 369 10.76 -14.05 8.96
C ARG B 369 10.70 -12.71 9.69
N PHE B 370 11.27 -11.66 9.11
CA PHE B 370 11.34 -10.38 9.84
C PHE B 370 10.04 -9.60 9.67
N ASP B 371 9.45 -9.21 10.79
CA ASP B 371 8.19 -8.45 10.83
C ASP B 371 8.50 -6.98 10.51
N VAL B 372 8.42 -6.63 9.22
CA VAL B 372 8.72 -5.28 8.72
C VAL B 372 7.86 -4.23 9.39
N TYR B 373 6.58 -4.55 9.53
CA TYR B 373 5.55 -3.57 9.83
C TYR B 373 5.31 -3.38 11.31
N CYS B 374 5.98 -4.15 12.19
CA CYS B 374 5.84 -3.85 13.61
C CYS B 374 6.66 -2.63 14.02
N ASN B 375 7.34 -2.01 13.09
CA ASN B 375 8.30 -0.95 13.42
C ASN B 375 7.60 0.42 13.38
N ASP B 376 6.59 0.55 14.23
CA ASP B 376 5.89 1.82 14.45
C ASP B 376 6.66 2.65 15.49
N PHE B 377 7.24 3.78 15.07
CA PHE B 377 7.96 4.67 15.98
C PHE B 377 7.04 5.62 16.72
N GLY B 378 5.72 5.54 16.46
CA GLY B 378 4.82 6.36 17.23
C GLY B 378 3.88 7.14 16.35
N TRP B 379 4.12 7.14 15.02
CA TRP B 379 3.30 7.88 14.08
C TRP B 379 2.70 7.00 12.99
N GLY B 380 2.66 5.68 13.20
CA GLY B 380 2.10 4.76 12.22
C GLY B 380 3.13 3.75 11.76
N LYS B 381 2.64 2.57 11.39
CA LYS B 381 3.53 1.55 10.88
C LYS B 381 4.13 1.98 9.54
N PRO B 382 5.28 1.43 9.19
CA PRO B 382 5.90 1.77 7.90
C PRO B 382 5.01 1.39 6.75
N ILE B 383 5.21 2.05 5.62
CA ILE B 383 4.39 1.67 4.45
C ILE B 383 5.19 0.82 3.46
N ALA B 384 6.48 0.66 3.66
CA ALA B 384 7.31 -0.18 2.80
C ALA B 384 8.64 -0.36 3.49
N ALA B 385 9.33 -1.44 3.15
CA ALA B 385 10.71 -1.65 3.55
C ALA B 385 11.51 -1.84 2.26
N ARG B 386 12.75 -1.30 2.23
CA ARG B 386 13.55 -1.35 1.01
C ARG B 386 15.01 -1.60 1.36
N ALA B 387 15.79 -2.13 0.39
CA ALA B 387 17.24 -2.26 0.47
C ALA B 387 17.90 -1.16 -0.34
N GLY B 388 19.11 -0.81 0.08
CA GLY B 388 19.89 0.17 -0.65
C GLY B 388 21.07 -0.46 -1.36
N PRO B 389 22.02 0.35 -1.79
CA PRO B 389 23.27 -0.19 -2.38
C PRO B 389 24.03 -1.03 -1.37
N PRO B 390 25.03 -1.81 -1.82
CA PRO B 390 25.44 -1.88 -3.22
C PRO B 390 24.51 -2.75 -4.05
N TYR B 391 24.55 -2.53 -5.36
CA TYR B 391 23.69 -3.28 -6.27
C TYR B 391 24.49 -4.41 -6.92
N LEU B 392 23.92 -5.58 -6.96
CA LEU B 392 24.58 -6.73 -7.53
C LEU B 392 23.59 -7.56 -8.29
N ASN B 393 24.02 -8.00 -9.47
CA ASN B 393 23.12 -8.78 -10.29
C ASN B 393 22.65 -10.02 -9.55
N GLY B 394 21.33 -10.25 -9.57
CA GLY B 394 20.79 -11.42 -8.92
C GLY B 394 20.37 -11.27 -7.46
N ARG B 395 20.62 -10.12 -6.83
CA ARG B 395 20.15 -9.93 -5.47
C ARG B 395 18.62 -9.99 -5.45
N LEU B 396 18.09 -10.72 -4.48
CA LEU B 396 16.63 -10.85 -4.32
C LEU B 396 16.36 -10.59 -2.82
N VAL B 397 15.94 -9.37 -2.47
CA VAL B 397 15.72 -9.04 -1.06
C VAL B 397 14.30 -9.44 -0.67
N VAL B 398 14.18 -10.32 0.32
CA VAL B 398 12.86 -10.82 0.71
C VAL B 398 12.29 -9.93 1.80
N PHE B 399 11.03 -9.50 1.62
CA PHE B 399 10.30 -8.81 2.68
C PHE B 399 8.95 -9.46 2.88
N LYS B 400 8.60 -9.73 4.13
CA LYS B 400 7.22 -10.14 4.40
C LYS B 400 6.26 -9.03 3.97
N GLY B 401 5.11 -9.39 3.40
CA GLY B 401 4.19 -8.35 2.94
C GLY B 401 3.47 -7.63 4.07
N ILE B 402 2.85 -6.49 3.72
CA ILE B 402 2.00 -5.70 4.62
C ILE B 402 0.95 -6.73 4.97
N GLY B 403 0.33 -7.29 3.93
CA GLY B 403 -0.49 -8.47 4.14
C GLY B 403 0.44 -9.57 4.57
N GLU B 404 0.26 -10.05 5.82
CA GLU B 404 1.18 -11.00 6.43
C GLU B 404 1.33 -12.30 5.65
N ALA B 405 0.34 -12.67 4.83
CA ALA B 405 0.42 -13.92 4.10
C ALA B 405 1.19 -13.78 2.77
N SER B 406 1.48 -12.57 2.38
CA SER B 406 2.01 -12.22 1.08
C SER B 406 3.52 -11.96 1.18
N LEU B 407 4.16 -11.82 0.02
CA LEU B 407 5.60 -11.60 -0.01
C LEU B 407 5.92 -10.48 -0.98
N ASP B 408 6.97 -9.70 -0.64
CA ASP B 408 7.54 -8.73 -1.55
C ASP B 408 9.00 -9.08 -1.77
N PHE B 409 9.46 -8.85 -2.98
CA PHE B 409 10.89 -9.03 -3.27
C PHE B 409 11.41 -7.81 -4.00
N GLN B 410 12.62 -7.36 -3.63
CA GLN B 410 13.30 -6.28 -4.35
C GLN B 410 14.41 -6.94 -5.16
N ALA B 411 14.23 -7.01 -6.48
CA ALA B 411 15.10 -7.82 -7.33
C ALA B 411 16.00 -6.94 -8.17
N CYS B 412 17.27 -7.30 -8.21
CA CYS B 412 18.25 -6.59 -9.01
C CYS B 412 18.57 -7.44 -10.22
N LEU B 413 18.36 -6.88 -11.40
CA LEU B 413 18.33 -7.66 -12.64
C LEU B 413 19.02 -6.92 -13.78
N LEU B 414 19.52 -7.71 -14.75
CA LEU B 414 20.02 -7.10 -15.98
C LEU B 414 18.85 -6.69 -16.89
N PRO B 415 19.00 -5.61 -17.66
CA PRO B 415 17.87 -5.20 -18.54
C PRO B 415 17.36 -6.31 -19.47
N GLN B 416 18.25 -7.13 -20.03
CA GLN B 416 17.81 -8.20 -20.92
C GLN B 416 16.94 -9.23 -20.19
N VAL B 417 17.27 -9.55 -18.94
CA VAL B 417 16.45 -10.47 -18.16
C VAL B 417 15.08 -9.84 -17.86
N VAL B 418 15.06 -8.55 -17.60
CA VAL B 418 13.82 -7.89 -17.33
C VAL B 418 12.92 -7.95 -18.53
N GLU B 419 13.49 -7.67 -19.70
CA GLU B 419 12.72 -7.70 -20.91
C GLU B 419 12.19 -9.07 -21.09
N LYS B 420 12.97 -10.11 -20.76
CA LYS B 420 12.35 -11.43 -20.99
C LYS B 420 11.26 -11.73 -19.95
N LEU B 421 11.47 -11.31 -18.73
CA LEU B 421 10.56 -11.59 -17.64
C LEU B 421 9.20 -10.90 -17.84
N VAL B 422 9.21 -9.66 -18.35
CA VAL B 422 7.93 -8.98 -18.53
C VAL B 422 7.10 -9.60 -19.64
N LYS B 423 7.72 -10.36 -20.55
CA LYS B 423 6.98 -11.04 -21.59
C LYS B 423 6.64 -12.48 -21.25
N ASP B 424 6.96 -12.92 -20.03
CA ASP B 424 6.68 -14.28 -19.55
C ASP B 424 5.28 -14.31 -18.96
N ALA B 425 4.29 -14.83 -19.72
CA ALA B 425 2.90 -14.75 -19.26
C ALA B 425 2.69 -15.46 -17.91
N GLU B 426 3.23 -16.68 -17.78
CA GLU B 426 2.98 -17.41 -16.55
C GLU B 426 3.60 -16.71 -15.36
N PHE B 427 4.85 -16.26 -15.53
CA PHE B 427 5.50 -15.56 -14.44
C PHE B 427 4.66 -14.38 -13.99
N ASN B 428 4.11 -13.59 -14.94
CA ASN B 428 3.34 -12.40 -14.57
C ASN B 428 1.95 -12.74 -14.07
N GLU B 429 1.54 -13.99 -14.19
CA GLU B 429 0.33 -14.46 -13.50
C GLU B 429 0.62 -14.66 -12.03
N TYR B 430 1.75 -15.31 -11.71
CA TYR B 430 2.05 -15.59 -10.30
C TYR B 430 2.64 -14.39 -9.57
N VAL B 431 3.29 -13.48 -10.30
CA VAL B 431 4.07 -12.41 -9.67
C VAL B 431 3.67 -11.07 -10.28
N SER B 432 3.45 -10.07 -9.44
CA SER B 432 3.15 -8.72 -9.93
C SER B 432 4.47 -7.95 -9.96
N ILE B 433 4.94 -7.61 -11.16
CA ILE B 433 6.19 -6.86 -11.33
C ILE B 433 5.85 -5.40 -11.50
N VAL B 434 6.53 -4.53 -10.74
CA VAL B 434 6.39 -3.08 -10.94
C VAL B 434 7.78 -2.44 -11.06
O11 TQG C . -21.73 9.74 -7.55
O12 TQG C . -20.48 8.64 -8.96
C02 TQG C . -25.81 6.39 -8.71
C04 TQG C . -25.27 8.77 -9.49
C05 TQG C . -25.34 9.30 -10.94
C08 TQG C . -24.01 9.18 -8.75
C09 TQG C . -22.78 8.95 -9.59
C10 TQG C . -21.59 9.14 -8.64
C13 TQG C . -25.93 4.89 -9.05
C15 TQG C . -23.75 4.49 -9.75
C16 TQG C . -22.82 5.17 -10.51
C17 TQG C . -21.49 5.19 -10.09
C18 TQG C . -21.09 4.51 -8.97
C19 TQG C . -22.04 3.83 -8.20
C20 TQG C . -21.65 3.10 -6.95
C23 TQG C . -23.36 3.81 -8.58
N03 TQG C . -25.38 7.32 -9.72
O01 TQG C . -26.08 6.82 -7.63
O06 TQG C . -25.05 8.54 -11.94
O07 TQG C . -25.73 10.49 -11.16
O14 TQG C . -25.11 4.49 -10.13
O21 TQG C . -20.45 3.26 -6.63
O22 TQG C . -22.50 2.42 -6.28
H041 TQG C . -25.96 9.12 -8.91
H081 TQG C . -24.07 10.12 -8.52
H082 TQG C . -23.94 8.66 -7.93
H092 TQG C . -22.78 8.04 -9.94
H091 TQG C . -22.75 9.57 -10.31
H131 TQG C . -26.85 4.71 -9.28
H132 TQG C . -25.67 4.38 -8.27
H161 TQG C . -23.08 5.60 -11.30
H171 TQG C . -20.86 5.67 -10.58
H181 TQG C . -20.19 4.49 -8.72
H231 TQG C . -23.99 3.34 -8.09
H031 TQG C . -25.18 7.01 -10.49
O11 TQG D . 22.92 -11.04 4.91
O12 TQG D . 22.12 -11.62 2.97
C02 TQG D . 27.74 -9.82 2.16
C04 TQG D . 26.91 -11.67 3.72
C05 TQG D . 27.26 -13.18 3.61
C08 TQG D . 25.51 -11.45 4.26
C09 TQG D . 24.46 -12.00 3.32
C10 TQG D . 23.08 -11.53 3.77
C13 TQG D . 27.91 -9.27 0.72
C15 TQG D . 25.79 -9.65 -0.18
C16 TQG D . 24.87 -10.69 -0.09
C17 TQG D . 23.53 -10.38 0.03
C18 TQG D . 23.12 -9.06 0.02
C19 TQG D . 24.06 -8.03 -0.09
C20 TQG D . 23.57 -6.59 -0.09
C23 TQG D . 25.39 -8.33 -0.20
N03 TQG D . 27.06 -11.09 2.38
O01 TQG D . 28.10 -9.18 3.10
O06 TQG D . 27.42 -13.74 2.48
O07 TQG D . 27.40 -13.87 4.66
O14 TQG D . 27.14 -9.94 -0.27
O21 TQG D . 24.36 -5.59 -0.22
O22 TQG D . 22.33 -6.47 0.13
H041 TQG D . 27.50 -11.24 4.35
H081 TQG D . 25.42 -11.89 5.12
H082 TQG D . 25.36 -10.50 4.37
H092 TQG D . 24.63 -11.69 2.41
H091 TQG D . 24.48 -12.97 3.33
H131 TQG D . 28.85 -9.34 0.48
H132 TQG D . 27.64 -8.34 0.72
H161 TQG D . 25.15 -11.57 -0.09
H171 TQG D . 22.90 -11.06 0.11
H181 TQG D . 22.22 -8.85 0.09
H231 TQG D . 26.02 -7.65 -0.28
H031 TQG D . 26.75 -11.53 1.71
#